data_5MQM
#
_entry.id   5MQM
#
_cell.length_a   64.050
_cell.length_b   84.810
_cell.length_c   120.630
_cell.angle_alpha   90.00
_cell.angle_beta   99.20
_cell.angle_gamma   90.00
#
_symmetry.space_group_name_H-M   'P 1 21 1'
#
loop_
_entity.id
_entity.type
_entity.pdbx_description
1 polymer 'Glycosyl hydrolases family 2, sugar binding domain'
2 non-polymer 'CALCIUM ION'
3 non-polymer 'D-rhamnopyranose tetrazole'
4 non-polymer 'TETRAETHYLENE GLYCOL'
5 non-polymer 'TRIETHYLENE GLYCOL'
6 water water
#
_entity_poly.entity_id   1
_entity_poly.type   'polypeptide(L)'
_entity_poly.pdbx_seq_one_letter_code
;MKSRLKQQIFAISLLACTAISPANALQTHLLREQFQNPSDEAKPWTFWYWMFGAVSKEGITADLEAMKRAGLGGTYLMPI
KGIKEGPQYNGKAQQLTPEWWEMVRFSMEEADRLGLKLGMHICDGFALAGGPWMTPKESMQKIVWSDTIVDGGKIKGLHL
PQPEAYEGFYEDISLFALPVKEEAADVMPAQITCANIATGNHIDIKKTVNMDDAGVIRSSYPCYIQYEYEQPFTCRNIEI
ILSGNNYQAHRLKVMASDDGVNYRLVKQLVPARQGWQNTDENSTHAIPATTARYFRFYWTPEGSEPGSEDMDAAKWKPNL
KIKELRLHREARLDQWEGKAGLVWRVASSTKKEEIGEQDCYALSQIINLTDPFKNSPSDNFKERTLTATLPKGKWKLLRM
GHTATGHTNATAGGGKGLECDKFNPKAVRKQFDNWFAQAFVKTNPDVARRVLKYMHVDSWECGSQNWSDTFAAEFRKRRG
YDLMPYLPLLAGIPMESAERSEKILRDVRTTIGELVVDVFYQVLADCAKEYDCQFSAECVAPTMVSDGLLHYQKVDLPMG
EFWLNSPTHDKPNDMLDAISGAHIYGKNIIQAEGFTEVRGTWNEHPGILKALLDRNYALGINRLFFHVYVHNPWLDRKPG
MTLDGIGLFFQRDQTWWNKGAKAFCEYITRCQSLLQYGHPVADIAVFTGEEMPRRSILPERLVPSLPGIFGAERVESERI
RLANEGQPLRVRPVGVTHSANMSDPEKWVNPLRGYAYDSFNKDALLRLAKAENGRMTLPGGASYKVLVLPLPRPMNPDPA
ALSPEVKQKINELKEAGILIPSLPYKEDDFSSYGLERDLIVPENIAWTHRQGEQGDIYFIANQLEETRTFTASMRIDGRK
PECWNPVTGEINADIPYEQKSHRTEITLTLAPNESVFIVYPAEEDDKETSEKERKEKKDSVKEASETGLEATEYTVTFTA
NGKTIQRQELFDWSKEEDEQIRYYSGTAVYKTTFRWKSKVKEDQQVYLNLGKVCDLATVRVNGIDCGTIWTAPYRADITA
ALKKGVNELEIEVTNTWANALKGADEGKAPFDGIWTNAKYRRAENTLLPAGLLGPLNFDVANKNK
;
_entity_poly.pdbx_strand_id   A
#
# COMPACT_ATOMS: atom_id res chain seq x y z
N LEU A 30 26.84 -15.25 -18.31
CA LEU A 30 25.91 -15.02 -19.45
C LEU A 30 24.50 -14.69 -18.96
N LEU A 31 24.02 -13.53 -19.38
CA LEU A 31 22.64 -13.14 -19.22
C LEU A 31 21.66 -14.06 -19.97
N ARG A 32 22.08 -14.60 -21.11
CA ARG A 32 21.22 -15.48 -21.92
C ARG A 32 20.89 -16.77 -21.19
N GLU A 33 21.86 -17.34 -20.48
CA GLU A 33 21.60 -18.56 -19.68
C GLU A 33 20.58 -18.29 -18.61
N GLN A 34 20.67 -17.13 -17.96
CA GLN A 34 19.67 -16.72 -16.96
C GLN A 34 18.29 -16.46 -17.53
N PHE A 35 18.20 -15.88 -18.73
CA PHE A 35 16.90 -15.62 -19.36
C PHE A 35 16.19 -16.90 -19.82
N GLN A 36 16.98 -17.85 -20.34
CA GLN A 36 16.48 -19.13 -20.83
C GLN A 36 16.43 -20.19 -19.73
N ASN A 37 17.40 -20.18 -18.83
CA ASN A 37 17.40 -21.05 -17.62
C ASN A 37 17.47 -20.20 -16.31
N PRO A 38 16.33 -19.63 -15.90
CA PRO A 38 16.34 -18.77 -14.70
C PRO A 38 16.65 -19.50 -13.38
N SER A 39 17.29 -18.81 -12.46
CA SER A 39 17.59 -19.38 -11.15
C SER A 39 16.35 -19.31 -10.27
N ASP A 40 16.40 -19.99 -9.13
CA ASP A 40 15.24 -20.09 -8.23
C ASP A 40 14.84 -18.75 -7.61
N GLU A 41 15.80 -17.87 -7.34
CA GLU A 41 15.55 -16.51 -6.85
C GLU A 41 14.58 -15.76 -7.73
N ALA A 42 14.60 -16.05 -9.04
CA ALA A 42 13.78 -15.34 -10.01
C ALA A 42 12.29 -15.74 -10.05
N LYS A 43 11.93 -16.85 -9.41
CA LYS A 43 10.56 -17.37 -9.49
C LYS A 43 9.63 -16.50 -8.61
N PRO A 44 8.38 -16.32 -9.04
CA PRO A 44 7.43 -15.63 -8.21
C PRO A 44 6.94 -16.52 -7.09
N TRP A 45 6.40 -15.86 -6.05
CA TRP A 45 5.92 -16.57 -4.85
C TRP A 45 4.42 -16.28 -4.74
N THR A 46 3.78 -16.87 -3.73
CA THR A 46 2.42 -16.52 -3.41
C THR A 46 2.19 -16.46 -1.88
N PHE A 47 1.31 -15.56 -1.42
CA PHE A 47 0.71 -15.69 -0.10
C PHE A 47 -0.31 -16.86 -0.12
N TRP A 48 -0.30 -17.70 0.90
CA TRP A 48 -1.19 -18.84 1.08
C TRP A 48 -1.95 -18.66 2.41
N TYR A 49 -3.25 -18.37 2.30
CA TYR A 49 -4.14 -18.05 3.43
C TYR A 49 -5.02 -19.26 3.77
N TRP A 50 -4.95 -19.68 5.04
CA TRP A 50 -5.81 -20.70 5.59
C TRP A 50 -6.94 -19.96 6.30
N MET A 51 -8.17 -20.21 5.84
CA MET A 51 -9.35 -19.51 6.36
C MET A 51 -10.09 -20.29 7.45
N PHE A 52 -10.34 -19.61 8.59
CA PHE A 52 -11.26 -20.07 9.66
C PHE A 52 -10.94 -21.46 10.26
N GLY A 53 -9.67 -21.85 10.20
CA GLY A 53 -9.27 -23.23 10.55
C GLY A 53 -9.85 -24.37 9.71
N ALA A 54 -10.38 -24.06 8.52
CA ALA A 54 -10.86 -25.09 7.59
C ALA A 54 -9.68 -25.50 6.69
N VAL A 55 -8.99 -26.56 7.10
CA VAL A 55 -7.77 -27.05 6.46
C VAL A 55 -7.83 -28.58 6.34
N SER A 56 -7.31 -29.13 5.25
CA SER A 56 -7.27 -30.59 5.03
C SER A 56 -5.95 -30.96 4.38
N LYS A 57 -5.50 -32.19 4.64
CA LYS A 57 -4.27 -32.71 4.04
C LYS A 57 -4.43 -32.88 2.54
N GLU A 58 -5.59 -33.36 2.13
CA GLU A 58 -5.88 -33.50 0.71
C GLU A 58 -5.74 -32.17 -0.03
N GLY A 59 -6.36 -31.13 0.51
CA GLY A 59 -6.25 -29.80 -0.05
C GLY A 59 -4.84 -29.24 0.01
N ILE A 60 -4.08 -29.58 1.04
CA ILE A 60 -2.70 -29.12 1.21
C ILE A 60 -1.87 -29.71 0.09
N THR A 61 -1.93 -31.02 -0.09
CA THR A 61 -1.20 -31.69 -1.18
C THR A 61 -1.61 -31.12 -2.50
N ALA A 62 -2.93 -30.99 -2.75
CA ALA A 62 -3.40 -30.45 -4.02
C ALA A 62 -2.88 -29.01 -4.28
N ASP A 63 -2.85 -28.18 -3.23
CA ASP A 63 -2.34 -26.81 -3.37
C ASP A 63 -0.84 -26.72 -3.64
N LEU A 64 -0.03 -27.46 -2.89
CA LEU A 64 1.41 -27.39 -3.04
C LEU A 64 1.86 -27.99 -4.36
N GLU A 65 1.08 -28.95 -4.90
CA GLU A 65 1.41 -29.52 -6.23
C GLU A 65 1.06 -28.55 -7.35
N ALA A 66 -0.08 -27.88 -7.21
CA ALA A 66 -0.54 -26.84 -8.10
C ALA A 66 0.49 -25.70 -8.15
N MET A 67 1.01 -25.30 -6.99
CA MET A 67 2.02 -24.25 -6.92
C MET A 67 3.30 -24.70 -7.64
N LYS A 68 3.78 -25.91 -7.32
CA LYS A 68 4.92 -26.47 -8.04
C LYS A 68 4.73 -26.50 -9.58
N ARG A 69 3.55 -26.94 -10.00
CA ARG A 69 3.21 -27.05 -11.44
C ARG A 69 3.23 -25.68 -12.16
N ALA A 70 2.71 -24.61 -11.53
CA ALA A 70 2.78 -23.25 -12.08
C ALA A 70 4.18 -22.67 -12.19
N GLY A 71 5.15 -23.21 -11.47
CA GLY A 71 6.49 -22.67 -11.43
C GLY A 71 6.72 -21.67 -10.31
N LEU A 72 5.88 -21.71 -9.24
CA LEU A 72 6.13 -20.91 -8.06
C LEU A 72 7.38 -21.41 -7.29
N GLY A 73 8.07 -20.47 -6.64
CA GLY A 73 9.26 -20.75 -5.85
C GLY A 73 8.97 -21.14 -4.40
N GLY A 74 7.91 -20.55 -3.84
CA GLY A 74 7.56 -20.79 -2.48
C GLY A 74 6.24 -20.16 -2.15
N THR A 75 5.83 -20.33 -0.91
CA THR A 75 4.68 -19.63 -0.38
C THR A 75 4.90 -19.15 1.07
N TYR A 76 4.19 -18.06 1.41
CA TYR A 76 4.11 -17.53 2.76
C TYR A 76 2.80 -18.05 3.33
N LEU A 77 2.92 -18.87 4.38
CA LEU A 77 1.81 -19.56 5.00
C LEU A 77 1.30 -18.73 6.17
N MET A 78 0.10 -18.20 6.01
CA MET A 78 -0.51 -17.28 6.97
C MET A 78 -1.98 -17.67 7.20
N PRO A 79 -2.32 -18.19 8.38
CA PRO A 79 -3.76 -18.45 8.69
C PRO A 79 -4.48 -17.18 9.07
N ILE A 80 -5.72 -17.06 8.61
CA ILE A 80 -6.53 -15.89 8.83
C ILE A 80 -7.82 -16.34 9.49
N LYS A 81 -8.08 -15.78 10.67
CA LYS A 81 -9.26 -16.07 11.45
C LYS A 81 -9.34 -17.53 11.94
N GLY A 82 -10.36 -17.83 12.75
CA GLY A 82 -10.56 -19.16 13.32
C GLY A 82 -12.01 -19.63 13.27
N ILE A 83 -12.29 -20.70 14.01
CA ILE A 83 -13.63 -21.35 14.05
C ILE A 83 -14.70 -20.32 14.42
N LYS A 84 -14.41 -19.49 15.41
CA LYS A 84 -15.41 -18.56 15.96
C LYS A 84 -15.90 -17.56 14.90
N GLU A 85 -14.98 -17.12 14.05
CA GLU A 85 -15.30 -16.13 13.02
C GLU A 85 -15.99 -16.77 11.80
N GLY A 86 -15.78 -18.08 11.59
CA GLY A 86 -16.47 -18.80 10.52
C GLY A 86 -16.95 -20.18 10.94
N PRO A 87 -17.89 -20.24 11.90
CA PRO A 87 -18.37 -21.54 12.40
C PRO A 87 -18.94 -22.45 11.31
N GLN A 88 -19.63 -21.85 10.35
CA GLN A 88 -20.28 -22.58 9.24
C GLN A 88 -19.39 -23.52 8.43
N TYR A 89 -18.07 -23.27 8.40
CA TYR A 89 -17.13 -24.11 7.64
C TYR A 89 -16.61 -25.37 8.35
N ASN A 90 -16.95 -25.56 9.64
CA ASN A 90 -16.56 -26.73 10.44
C ASN A 90 -15.06 -26.97 10.56
N GLY A 91 -14.30 -25.89 10.73
CA GLY A 91 -12.84 -26.01 10.80
C GLY A 91 -12.37 -26.90 11.94
N LYS A 92 -11.34 -27.72 11.68
CA LYS A 92 -10.70 -28.56 12.70
C LYS A 92 -9.25 -28.18 13.00
N ALA A 93 -8.71 -27.17 12.30
CA ALA A 93 -7.31 -26.76 12.45
C ALA A 93 -7.27 -25.33 12.98
N GLN A 94 -7.79 -25.15 14.20
CA GLN A 94 -7.71 -23.87 14.92
C GLN A 94 -6.25 -23.60 15.31
N GLN A 95 -5.80 -22.37 15.12
CA GLN A 95 -4.40 -21.99 15.32
C GLN A 95 -3.90 -22.36 16.72
N LEU A 96 -2.72 -22.98 16.74
CA LEU A 96 -1.99 -23.41 17.92
C LEU A 96 -2.51 -24.67 18.61
N THR A 97 -3.51 -25.35 18.04
CA THR A 97 -3.96 -26.65 18.52
C THR A 97 -3.09 -27.72 17.90
N PRO A 98 -2.98 -28.90 18.56
CA PRO A 98 -2.13 -29.95 17.96
C PRO A 98 -2.51 -30.35 16.52
N GLU A 99 -3.79 -30.26 16.17
CA GLU A 99 -4.26 -30.59 14.82
C GLU A 99 -3.74 -29.54 13.80
N TRP A 100 -3.76 -28.26 14.18
CA TRP A 100 -3.22 -27.19 13.34
C TRP A 100 -1.72 -27.38 13.08
N TRP A 101 -0.95 -27.58 14.15
CA TRP A 101 0.48 -27.86 14.07
C TRP A 101 0.80 -29.08 13.19
N GLU A 102 -0.03 -30.13 13.27
CA GLU A 102 0.09 -31.28 12.38
C GLU A 102 -0.05 -30.89 10.90
N MET A 103 -0.98 -29.99 10.58
CA MET A 103 -1.14 -29.48 9.20
C MET A 103 0.06 -28.64 8.74
N VAL A 104 0.57 -27.77 9.60
CA VAL A 104 1.82 -27.04 9.34
C VAL A 104 2.98 -28.00 9.07
N ARG A 105 3.10 -29.07 9.86
CA ARG A 105 4.13 -30.10 9.63
C ARG A 105 3.99 -30.81 8.28
N PHE A 106 2.77 -31.24 7.96
CA PHE A 106 2.48 -31.89 6.68
C PHE A 106 2.78 -30.97 5.49
N SER A 107 2.44 -29.67 5.59
CA SER A 107 2.80 -28.69 4.55
C SER A 107 4.32 -28.59 4.33
N MET A 108 5.10 -28.59 5.43
CA MET A 108 6.55 -28.52 5.35
C MET A 108 7.08 -29.79 4.66
N GLU A 109 6.59 -30.95 5.11
CA GLU A 109 6.90 -32.24 4.50
C GLU A 109 6.63 -32.22 2.99
N GLU A 110 5.44 -31.77 2.58
CA GLU A 110 5.09 -31.70 1.15
C GLU A 110 5.94 -30.69 0.38
N ALA A 111 6.26 -29.56 0.99
CA ALA A 111 7.09 -28.54 0.36
C ALA A 111 8.52 -29.05 0.19
N ASP A 112 8.97 -29.82 1.15
CA ASP A 112 10.26 -30.48 1.06
C ASP A 112 10.29 -31.44 -0.15
N ARG A 113 9.30 -32.31 -0.22
CA ARG A 113 9.13 -33.29 -1.31
C ARG A 113 9.14 -32.61 -2.66
N LEU A 114 8.43 -31.50 -2.75
CA LEU A 114 8.15 -30.84 -4.02
C LEU A 114 9.21 -29.81 -4.45
N GLY A 115 10.13 -29.45 -3.55
CA GLY A 115 11.13 -28.43 -3.83
C GLY A 115 10.61 -27.00 -3.71
N LEU A 116 9.68 -26.74 -2.79
CA LEU A 116 9.20 -25.39 -2.50
C LEU A 116 9.78 -24.89 -1.20
N LYS A 117 10.01 -23.59 -1.11
CA LYS A 117 10.39 -23.00 0.16
C LYS A 117 9.17 -22.36 0.84
N LEU A 118 9.28 -22.18 2.15
CA LEU A 118 8.23 -21.60 2.97
C LEU A 118 8.70 -20.35 3.72
N GLY A 119 7.75 -19.45 3.92
CA GLY A 119 7.87 -18.39 4.92
C GLY A 119 6.62 -18.38 5.78
N MET A 120 6.75 -17.73 6.94
CA MET A 120 5.58 -17.47 7.78
C MET A 120 5.69 -16.07 8.34
N HIS A 121 4.55 -15.57 8.79
CA HIS A 121 4.48 -14.26 9.42
C HIS A 121 4.90 -14.39 10.90
N ILE A 122 5.26 -13.26 11.52
CA ILE A 122 5.62 -13.21 12.93
C ILE A 122 4.41 -13.25 13.89
N CYS A 123 3.20 -13.36 13.37
CA CYS A 123 2.03 -13.58 14.22
C CYS A 123 0.87 -14.18 13.41
N ASP A 124 -0.17 -14.57 14.12
CA ASP A 124 -1.37 -15.12 13.50
C ASP A 124 -2.15 -13.98 12.83
N GLY A 125 -2.84 -14.29 11.73
CA GLY A 125 -3.54 -13.29 10.94
C GLY A 125 -2.53 -12.58 10.05
N PHE A 126 -2.97 -11.50 9.40
CA PHE A 126 -2.05 -10.81 8.47
C PHE A 126 -1.35 -9.56 9.05
N ALA A 127 -1.56 -9.28 10.36
CA ALA A 127 -0.90 -8.13 11.04
C ALA A 127 -1.20 -8.14 12.54
N LEU A 128 -0.23 -7.80 13.41
CA LEU A 128 1.16 -7.45 13.07
C LEU A 128 2.19 -8.17 13.95
N ALA A 129 2.09 -7.98 15.27
CA ALA A 129 2.98 -8.66 16.22
C ALA A 129 2.27 -8.88 17.56
N GLY A 130 1.12 -9.56 17.50
CA GLY A 130 0.30 -9.84 18.65
C GLY A 130 0.20 -11.32 19.00
N GLY A 131 -0.33 -11.60 20.19
CA GLY A 131 -0.62 -12.98 20.60
C GLY A 131 -1.16 -13.08 22.02
N PRO A 132 -1.81 -14.22 22.37
CA PRO A 132 -2.50 -14.40 23.68
C PRO A 132 -1.56 -14.49 24.90
N TRP A 133 -0.28 -14.73 24.64
CA TRP A 133 0.79 -14.64 25.63
C TRP A 133 1.12 -13.20 26.08
N MET A 134 0.65 -12.18 25.36
CA MET A 134 0.97 -10.79 25.71
C MET A 134 -0.02 -10.22 26.70
N THR A 135 0.49 -9.63 27.78
CA THR A 135 -0.31 -8.93 28.79
C THR A 135 -0.33 -7.43 28.44
N PRO A 136 -1.31 -6.67 29.00
CA PRO A 136 -1.32 -5.24 28.83
C PRO A 136 0.05 -4.56 29.07
N LYS A 137 0.76 -4.99 30.11
CA LYS A 137 2.06 -4.42 30.48
C LYS A 137 3.08 -4.58 29.34
N GLU A 138 3.03 -5.74 28.68
CA GLU A 138 3.92 -6.04 27.56
C GLU A 138 3.42 -5.54 26.20
N SER A 139 2.31 -4.82 26.16
CA SER A 139 1.75 -4.34 24.93
C SER A 139 2.17 -2.90 24.60
N MET A 140 1.71 -2.40 23.46
CA MET A 140 1.96 -1.03 23.03
C MET A 140 1.30 -0.04 23.99
N GLN A 141 2.08 0.95 24.41
CA GLN A 141 1.73 1.88 25.47
C GLN A 141 1.58 3.29 24.95
N LYS A 142 0.66 4.02 25.57
CA LYS A 142 0.48 5.43 25.32
C LYS A 142 0.39 6.22 26.64
N ILE A 143 0.66 7.51 26.57
CA ILE A 143 0.59 8.39 27.74
C ILE A 143 -0.86 8.74 27.96
N VAL A 144 -1.36 8.55 29.18
CA VAL A 144 -2.71 9.01 29.57
C VAL A 144 -2.63 9.85 30.82
N TRP A 145 -3.76 10.48 31.16
CA TRP A 145 -3.83 11.46 32.24
C TRP A 145 -5.25 11.73 32.69
N SER A 146 -5.37 12.30 33.89
CA SER A 146 -6.62 12.84 34.47
C SER A 146 -6.32 14.16 35.17
N ASP A 147 -7.36 14.92 35.48
CA ASP A 147 -7.15 16.17 36.23
C ASP A 147 -8.26 16.51 37.21
N THR A 148 -7.93 17.33 38.20
CA THR A 148 -8.91 18.05 39.04
C THR A 148 -8.37 19.42 39.45
N ILE A 149 -9.28 20.37 39.58
CA ILE A 149 -9.01 21.69 40.09
C ILE A 149 -9.24 21.62 41.60
N VAL A 150 -8.22 22.00 42.38
CA VAL A 150 -8.30 22.04 43.83
C VAL A 150 -7.77 23.37 44.34
N ASP A 151 -8.25 23.78 45.52
CA ASP A 151 -7.66 24.91 46.23
C ASP A 151 -6.35 24.44 46.84
N GLY A 152 -5.34 25.31 46.81
CA GLY A 152 -4.03 25.01 47.38
C GLY A 152 -4.04 25.18 48.89
N GLY A 153 -2.93 24.83 49.52
CA GLY A 153 -2.83 24.76 50.97
C GLY A 153 -2.42 23.37 51.39
N LYS A 154 -2.95 22.90 52.52
CA LYS A 154 -2.53 21.64 53.11
C LYS A 154 -3.49 20.53 52.67
N ILE A 155 -3.10 19.81 51.63
CA ILE A 155 -3.91 18.71 51.08
C ILE A 155 -3.53 17.45 51.84
N LYS A 156 -4.56 16.67 52.21
CA LYS A 156 -4.38 15.43 52.96
C LYS A 156 -5.34 14.39 52.44
N GLY A 157 -4.82 13.20 52.08
CA GLY A 157 -5.63 12.07 51.62
C GLY A 157 -6.63 12.36 50.51
N LEU A 158 -6.26 13.20 49.54
CA LEU A 158 -7.15 13.49 48.40
C LEU A 158 -7.05 12.36 47.37
N HIS A 159 -8.20 11.79 47.00
CA HIS A 159 -8.26 10.70 46.04
C HIS A 159 -8.41 11.30 44.65
N LEU A 160 -7.45 11.04 43.75
CA LEU A 160 -7.45 11.64 42.40
C LEU A 160 -8.10 10.66 41.41
N PRO A 161 -8.82 11.17 40.39
CA PRO A 161 -9.47 10.26 39.45
C PRO A 161 -8.45 9.40 38.70
N GLN A 162 -8.79 8.14 38.47
CA GLN A 162 -7.91 7.18 37.80
C GLN A 162 -7.91 7.47 36.30
N PRO A 163 -6.72 7.54 35.66
CA PRO A 163 -6.77 7.70 34.20
C PRO A 163 -7.27 6.44 33.50
N GLU A 164 -7.38 6.51 32.18
CA GLU A 164 -7.70 5.36 31.35
C GLU A 164 -6.81 4.16 31.71
N ALA A 165 -7.46 3.03 31.95
CA ALA A 165 -6.78 1.83 32.36
C ALA A 165 -7.27 0.68 31.52
N TYR A 166 -6.58 0.40 30.42
CA TYR A 166 -6.97 -0.72 29.57
C TYR A 166 -6.99 -2.03 30.38
N GLU A 167 -8.17 -2.64 30.51
CA GLU A 167 -8.39 -3.86 31.34
C GLU A 167 -7.76 -3.80 32.73
N GLY A 168 -7.92 -2.68 33.40
CA GLY A 168 -7.39 -2.53 34.73
C GLY A 168 -5.93 -2.17 34.81
N PHE A 169 -5.17 -2.29 33.72
CA PHE A 169 -3.73 -1.96 33.75
C PHE A 169 -3.49 -0.45 33.57
N TYR A 170 -2.82 0.15 34.55
CA TYR A 170 -2.34 1.52 34.44
C TYR A 170 -1.13 1.63 35.34
N GLU A 171 -0.21 2.54 35.02
CA GLU A 171 0.94 2.86 35.87
C GLU A 171 1.26 4.35 35.85
N ASP A 172 1.23 4.97 37.01
CA ASP A 172 1.61 6.39 37.17
C ASP A 172 3.06 6.62 36.76
N ILE A 173 3.32 7.80 36.20
CA ILE A 173 4.65 8.23 35.82
C ILE A 173 4.96 9.53 36.54
N SER A 174 4.15 10.56 36.35
CA SER A 174 4.34 11.85 37.01
C SER A 174 3.05 12.56 37.34
N LEU A 175 3.07 13.36 38.41
CA LEU A 175 1.94 14.14 38.89
C LEU A 175 2.40 15.61 38.90
N PHE A 176 1.66 16.45 38.16
CA PHE A 176 2.01 17.84 37.95
C PHE A 176 0.94 18.76 38.55
N ALA A 177 1.38 19.90 39.07
CA ALA A 177 0.51 20.91 39.65
C ALA A 177 0.63 22.17 38.80
N LEU A 178 -0.46 22.57 38.16
CA LEU A 178 -0.42 23.72 37.24
C LEU A 178 -1.24 24.90 37.78
N PRO A 179 -0.68 26.13 37.80
CA PRO A 179 -1.49 27.31 38.20
C PRO A 179 -2.59 27.63 37.21
N VAL A 180 -3.84 27.80 37.66
CA VAL A 180 -4.96 28.04 36.71
C VAL A 180 -4.90 29.39 35.96
N LYS A 181 -4.92 29.32 34.62
CA LYS A 181 -4.81 30.49 33.71
C LYS A 181 -5.91 31.52 34.01
N GLU A 182 -7.13 31.19 33.61
CA GLU A 182 -8.34 31.87 34.05
C GLU A 182 -8.97 30.90 35.05
N GLU A 183 -10.16 31.20 35.54
CA GLU A 183 -10.80 30.40 36.58
C GLU A 183 -12.18 29.80 36.17
N ALA A 184 -12.60 30.02 34.94
CA ALA A 184 -13.89 29.49 34.44
C ALA A 184 -13.78 28.06 33.90
N ALA A 185 -14.94 27.45 33.67
CA ALA A 185 -15.04 26.11 33.12
C ALA A 185 -14.38 26.01 31.72
N ASP A 186 -13.86 24.83 31.39
CA ASP A 186 -13.18 24.59 30.12
C ASP A 186 -14.21 24.52 28.97
N VAL A 187 -15.37 23.94 29.29
CA VAL A 187 -16.52 23.85 28.41
C VAL A 187 -17.77 24.35 29.14
N MET A 188 -18.72 24.88 28.38
CA MET A 188 -19.99 25.35 28.92
C MET A 188 -21.08 24.69 28.10
N PRO A 189 -22.33 24.64 28.64
CA PRO A 189 -23.44 24.20 27.80
C PRO A 189 -23.84 25.25 26.75
N ALA A 190 -24.40 24.80 25.63
CA ALA A 190 -24.81 25.69 24.53
C ALA A 190 -26.02 25.12 23.81
N GLN A 191 -26.85 25.99 23.27
CA GLN A 191 -27.96 25.56 22.42
C GLN A 191 -27.43 25.40 20.99
N ILE A 192 -27.59 24.22 20.40
CA ILE A 192 -27.03 23.92 19.08
C ILE A 192 -28.17 23.93 18.06
N THR A 193 -28.08 24.77 17.02
CA THR A 193 -28.99 24.73 15.86
C THR A 193 -28.18 24.52 14.59
N CYS A 194 -28.88 24.30 13.48
CA CYS A 194 -28.23 24.22 12.17
C CYS A 194 -29.11 24.86 11.08
N ALA A 195 -28.56 25.04 9.88
CA ALA A 195 -29.30 25.65 8.77
C ALA A 195 -28.68 25.28 7.49
N ASN A 196 -29.51 24.88 6.53
CA ASN A 196 -29.07 24.71 5.18
C ASN A 196 -28.93 26.08 4.54
N ILE A 197 -27.87 26.26 3.76
CA ILE A 197 -27.72 27.45 2.90
C ILE A 197 -27.57 27.17 1.41
N ALA A 198 -27.48 25.90 1.03
CA ALA A 198 -27.37 25.51 -0.35
C ALA A 198 -28.66 25.90 -1.08
N THR A 199 -28.58 27.02 -1.79
CA THR A 199 -29.65 27.45 -2.68
C THR A 199 -29.06 27.42 -4.11
N GLY A 200 -29.94 27.11 -5.06
CA GLY A 200 -29.55 26.57 -6.37
C GLY A 200 -30.27 25.24 -6.45
N ASN A 201 -31.60 25.32 -6.34
CA ASN A 201 -32.45 24.24 -5.83
C ASN A 201 -32.67 23.10 -6.83
N HIS A 202 -31.66 22.22 -6.88
CA HIS A 202 -31.77 20.89 -7.48
C HIS A 202 -31.36 19.91 -6.36
N ILE A 203 -31.91 20.12 -5.17
CA ILE A 203 -31.39 19.54 -3.91
C ILE A 203 -32.35 18.50 -3.34
N ASP A 204 -31.77 17.44 -2.78
CA ASP A 204 -32.56 16.47 -2.00
C ASP A 204 -32.68 17.02 -0.59
N ILE A 205 -33.88 17.52 -0.26
CA ILE A 205 -34.16 18.17 1.01
C ILE A 205 -33.88 17.26 2.23
N LYS A 206 -34.04 15.95 2.08
CA LYS A 206 -33.74 15.01 3.17
C LYS A 206 -32.24 14.90 3.45
N LYS A 207 -31.38 15.17 2.47
CA LYS A 207 -29.92 15.14 2.69
C LYS A 207 -29.28 16.49 3.10
N THR A 208 -30.11 17.51 3.43
CA THR A 208 -29.64 18.78 4.01
C THR A 208 -29.28 18.59 5.48
N VAL A 209 -28.61 19.57 6.06
CA VAL A 209 -28.05 19.41 7.38
C VAL A 209 -29.12 19.02 8.38
N ASN A 210 -28.79 18.12 9.29
CA ASN A 210 -29.68 17.71 10.37
C ASN A 210 -28.89 17.08 11.53
N MET A 211 -29.49 17.15 12.71
CA MET A 211 -28.97 16.54 13.95
C MET A 211 -29.92 15.46 14.36
N ASP A 212 -29.44 14.23 14.56
CA ASP A 212 -30.30 13.13 15.06
C ASP A 212 -30.44 13.19 16.59
N ASP A 213 -31.22 12.25 17.15
CA ASP A 213 -31.41 12.13 18.62
C ASP A 213 -30.11 12.09 19.42
N ALA A 214 -29.13 11.33 18.95
CA ALA A 214 -27.81 11.26 19.60
C ALA A 214 -26.95 12.55 19.49
N GLY A 215 -27.42 13.59 18.81
CA GLY A 215 -26.66 14.81 18.59
C GLY A 215 -25.68 14.79 17.42
N VAL A 216 -25.67 13.69 16.65
CA VAL A 216 -24.82 13.54 15.46
C VAL A 216 -25.34 14.44 14.34
N ILE A 217 -24.44 15.22 13.75
CA ILE A 217 -24.78 16.17 12.66
C ILE A 217 -24.38 15.56 11.32
N ARG A 218 -25.32 15.57 10.37
CA ARG A 218 -25.07 15.08 9.00
C ARG A 218 -25.51 16.10 7.98
N SER A 219 -24.70 16.25 6.92
CA SER A 219 -25.07 17.08 5.77
C SER A 219 -24.34 16.65 4.51
N SER A 220 -24.98 16.84 3.35
CA SER A 220 -24.38 16.69 2.03
C SER A 220 -24.28 18.03 1.32
N TYR A 221 -24.86 19.08 1.90
CA TYR A 221 -25.02 20.38 1.23
C TYR A 221 -24.47 21.48 2.13
N PRO A 222 -24.06 22.62 1.53
CA PRO A 222 -23.57 23.72 2.30
C PRO A 222 -24.51 24.11 3.42
N CYS A 223 -23.95 24.45 4.56
CA CYS A 223 -24.73 24.68 5.78
C CYS A 223 -23.86 25.37 6.84
N TYR A 224 -24.49 25.72 7.94
CA TYR A 224 -23.78 26.11 9.16
C TYR A 224 -24.40 25.47 10.39
N ILE A 225 -23.56 25.19 11.38
CA ILE A 225 -24.01 24.73 12.70
C ILE A 225 -23.72 25.88 13.67
N GLN A 226 -24.74 26.29 14.43
CA GLN A 226 -24.62 27.42 15.36
C GLN A 226 -24.65 26.96 16.84
N TYR A 227 -23.73 27.48 17.66
CA TYR A 227 -23.68 27.26 19.10
C TYR A 227 -23.95 28.60 19.84
N GLU A 228 -25.04 28.65 20.63
CA GLU A 228 -25.40 29.89 21.39
C GLU A 228 -25.19 29.64 22.87
N TYR A 229 -24.30 30.43 23.50
CA TYR A 229 -24.04 30.36 24.93
C TYR A 229 -24.88 31.37 25.71
N GLU A 230 -25.14 31.04 26.96
CA GLU A 230 -25.86 31.92 27.91
C GLU A 230 -25.13 33.24 28.10
N GLN A 231 -23.81 33.12 28.26
CA GLN A 231 -22.91 34.22 28.48
C GLN A 231 -21.80 34.05 27.46
N PRO A 232 -21.13 35.15 27.10
CA PRO A 232 -20.00 35.03 26.18
C PRO A 232 -19.03 33.99 26.66
N PHE A 233 -18.59 33.12 25.76
CA PHE A 233 -17.66 32.03 26.05
C PHE A 233 -16.35 32.25 25.31
N THR A 234 -15.23 32.13 26.01
CA THR A 234 -13.93 32.26 25.39
C THR A 234 -13.44 30.89 24.88
N CYS A 235 -13.31 30.77 23.57
CA CYS A 235 -12.88 29.52 22.93
C CYS A 235 -11.48 29.68 22.34
N ARG A 236 -10.57 28.76 22.64
CA ARG A 236 -9.22 28.69 22.04
C ARG A 236 -8.97 27.44 21.16
N ASN A 237 -9.77 26.41 21.30
CA ASN A 237 -9.67 25.28 20.41
C ASN A 237 -10.99 24.53 20.31
N ILE A 238 -11.10 23.75 19.24
CA ILE A 238 -12.29 22.95 18.96
C ILE A 238 -11.83 21.51 18.81
N GLU A 239 -12.33 20.65 19.70
CA GLU A 239 -12.09 19.22 19.65
C GLU A 239 -13.19 18.59 18.81
N ILE A 240 -12.80 17.99 17.69
CA ILE A 240 -13.75 17.40 16.76
C ILE A 240 -13.76 15.91 17.09
N ILE A 241 -14.93 15.40 17.43
CA ILE A 241 -15.12 14.03 17.85
C ILE A 241 -15.97 13.39 16.77
N LEU A 242 -15.48 12.28 16.23
CA LEU A 242 -16.07 11.62 15.06
C LEU A 242 -16.45 10.23 15.41
N SER A 243 -17.37 9.72 14.60
CA SER A 243 -17.77 8.34 14.58
C SER A 243 -17.23 7.75 13.28
N GLY A 244 -16.02 7.19 13.35
CA GLY A 244 -15.27 6.82 12.16
C GLY A 244 -14.68 8.07 11.56
N ASN A 245 -14.15 7.97 10.35
CA ASN A 245 -13.41 9.05 9.73
C ASN A 245 -14.33 9.98 8.96
N ASN A 246 -13.95 11.24 8.92
CA ASN A 246 -14.72 12.25 8.18
C ASN A 246 -13.81 13.43 7.84
N TYR A 247 -13.32 13.40 6.60
CA TYR A 247 -12.51 14.47 6.01
C TYR A 247 -13.19 15.83 6.17
N GLN A 248 -14.49 15.91 5.83
CA GLN A 248 -15.20 17.18 5.74
C GLN A 248 -15.39 17.88 7.09
N ALA A 249 -15.41 17.12 8.18
CA ALA A 249 -15.50 17.69 9.51
C ALA A 249 -14.31 18.59 9.85
N HIS A 250 -13.14 18.30 9.28
CA HIS A 250 -11.98 19.15 9.51
C HIS A 250 -11.91 20.39 8.60
N ARG A 251 -12.96 20.67 7.81
CA ARG A 251 -12.96 21.79 6.84
C ARG A 251 -13.92 22.91 7.20
N LEU A 252 -14.33 22.98 8.46
CA LEU A 252 -15.31 23.96 8.89
C LEU A 252 -14.67 25.34 8.93
N LYS A 253 -15.46 26.35 8.56
CA LYS A 253 -15.06 27.76 8.68
C LYS A 253 -15.70 28.31 9.94
N VAL A 254 -14.88 28.69 10.90
CA VAL A 254 -15.36 29.13 12.19
C VAL A 254 -15.60 30.64 12.13
N MET A 255 -16.83 31.05 12.46
CA MET A 255 -17.23 32.46 12.57
CA MET A 255 -17.20 32.46 12.59
C MET A 255 -17.79 32.68 14.00
N ALA A 256 -17.84 33.94 14.44
CA ALA A 256 -18.32 34.29 15.78
C ALA A 256 -19.06 35.64 15.80
N SER A 257 -19.96 35.81 16.76
CA SER A 257 -20.77 37.03 16.87
C SER A 257 -21.14 37.32 18.30
N ASP A 258 -21.30 38.61 18.60
CA ASP A 258 -21.81 39.08 19.89
C ASP A 258 -23.28 39.42 19.85
N ASP A 259 -23.78 39.85 18.69
CA ASP A 259 -25.12 40.40 18.56
C ASP A 259 -26.09 39.52 17.76
N GLY A 260 -25.60 38.37 17.30
CA GLY A 260 -26.42 37.37 16.64
C GLY A 260 -26.68 37.56 15.16
N VAL A 261 -26.08 38.57 14.56
CA VAL A 261 -26.24 38.82 13.11
C VAL A 261 -24.96 39.22 12.39
N ASN A 262 -24.10 40.03 13.00
CA ASN A 262 -22.79 40.34 12.44
C ASN A 262 -21.78 39.31 12.89
N TYR A 263 -21.38 38.45 11.97
CA TYR A 263 -20.46 37.36 12.28
C TYR A 263 -19.06 37.69 11.74
N ARG A 264 -18.01 37.49 12.55
CA ARG A 264 -16.63 37.80 12.11
C ARG A 264 -15.92 36.45 11.85
N LEU A 265 -15.03 36.40 10.85
CA LEU A 265 -14.22 35.21 10.60
C LEU A 265 -13.26 34.93 11.74
N VAL A 266 -13.19 33.70 12.19
CA VAL A 266 -12.19 33.30 13.16
C VAL A 266 -11.08 32.48 12.49
N LYS A 267 -11.46 31.40 11.83
CA LYS A 267 -10.45 30.56 11.14
C LYS A 267 -11.09 29.53 10.22
N GLN A 268 -10.56 29.43 9.00
CA GLN A 268 -10.84 28.30 8.11
C GLN A 268 -10.01 27.12 8.61
N LEU A 269 -10.67 26.06 9.09
CA LEU A 269 -9.91 24.93 9.62
C LEU A 269 -9.23 24.13 8.49
N VAL A 270 -8.14 23.47 8.83
CA VAL A 270 -7.24 22.79 7.87
C VAL A 270 -7.15 21.34 8.28
N PRO A 271 -7.58 20.42 7.42
CA PRO A 271 -7.37 19.02 7.78
C PRO A 271 -5.89 18.72 7.96
N ALA A 272 -5.53 18.00 9.02
CA ALA A 272 -4.20 17.41 9.14
C ALA A 272 -4.06 16.26 8.14
N ARG A 273 -2.82 16.01 7.65
CA ARG A 273 -2.57 14.81 6.87
C ARG A 273 -2.80 13.64 7.79
N GLN A 274 -3.45 12.60 7.27
CA GLN A 274 -3.86 11.43 8.04
C GLN A 274 -3.97 10.17 7.17
N GLY A 275 -3.62 9.04 7.76
CA GLY A 275 -3.81 7.73 7.14
C GLY A 275 -5.17 7.10 7.48
N TRP A 276 -5.31 5.82 7.17
CA TRP A 276 -6.63 5.14 7.31
C TRP A 276 -6.92 4.78 8.73
N GLN A 277 -5.91 4.70 9.59
CA GLN A 277 -6.11 4.32 10.99
C GLN A 277 -6.03 5.55 11.88
N ASN A 278 -7.07 6.36 11.82
CA ASN A 278 -7.08 7.71 12.38
C ASN A 278 -8.15 7.96 13.48
N THR A 279 -8.83 6.89 13.92
CA THR A 279 -9.91 6.99 14.89
C THR A 279 -9.54 6.74 16.38
N ASP A 280 -8.29 6.39 16.69
CA ASP A 280 -7.88 6.29 18.12
C ASP A 280 -7.88 7.64 18.88
N GLU A 281 -7.88 8.76 18.17
CA GLU A 281 -7.93 10.06 18.83
C GLU A 281 -8.86 10.99 18.09
N ASN A 282 -9.39 11.93 18.85
CA ASN A 282 -10.08 13.07 18.32
C ASN A 282 -9.08 14.07 17.69
N SER A 283 -9.57 15.15 17.10
CA SER A 283 -8.70 16.18 16.52
C SER A 283 -8.97 17.54 17.18
N THR A 284 -7.91 18.19 17.63
CA THR A 284 -8.02 19.52 18.23
C THR A 284 -7.54 20.56 17.25
N HIS A 285 -8.43 21.45 16.87
CA HIS A 285 -8.08 22.61 16.05
C HIS A 285 -8.01 23.86 16.91
N ALA A 286 -6.79 24.38 17.06
CA ALA A 286 -6.63 25.70 17.72
C ALA A 286 -7.22 26.86 16.89
N ILE A 287 -7.74 27.86 17.60
CA ILE A 287 -8.17 29.12 16.98
C ILE A 287 -7.57 30.27 17.78
N PRO A 288 -7.43 31.44 17.17
CA PRO A 288 -7.19 32.64 17.99
C PRO A 288 -8.30 32.77 19.05
N ALA A 289 -7.89 32.98 20.30
CA ALA A 289 -8.82 33.12 21.44
C ALA A 289 -9.97 34.07 21.05
N THR A 290 -11.19 33.56 21.11
CA THR A 290 -12.36 34.28 20.64
C THR A 290 -13.42 34.23 21.71
N THR A 291 -13.91 35.38 22.12
CA THR A 291 -14.92 35.51 23.16
C THR A 291 -16.22 35.93 22.49
N ALA A 292 -17.24 35.08 22.60
CA ALA A 292 -18.47 35.34 21.86
C ALA A 292 -19.67 34.63 22.44
N ARG A 293 -20.84 35.21 22.22
CA ARG A 293 -22.10 34.59 22.61
C ARG A 293 -22.49 33.54 21.56
N TYR A 294 -22.12 33.78 20.29
CA TYR A 294 -22.47 32.89 19.21
C TYR A 294 -21.25 32.47 18.39
N PHE A 295 -21.16 31.17 18.12
CA PHE A 295 -20.18 30.58 17.18
C PHE A 295 -20.90 29.82 16.08
N ARG A 296 -20.50 30.06 14.83
CA ARG A 296 -21.02 29.32 13.71
C ARG A 296 -19.89 28.58 13.02
N PHE A 297 -20.19 27.37 12.55
CA PHE A 297 -19.24 26.53 11.79
C PHE A 297 -19.88 26.31 10.43
N TYR A 298 -19.36 27.01 9.42
CA TYR A 298 -19.89 26.94 8.08
C TYR A 298 -19.18 25.80 7.35
N TRP A 299 -19.94 25.08 6.54
CA TRP A 299 -19.39 23.99 5.74
C TRP A 299 -19.89 24.08 4.30
N THR A 300 -18.97 23.80 3.37
CA THR A 300 -19.31 23.47 2.00
C THR A 300 -18.30 22.39 1.51
N PRO A 301 -18.77 21.48 0.64
CA PRO A 301 -17.81 20.51 0.03
C PRO A 301 -16.82 21.14 -0.97
N GLU A 302 -17.11 22.35 -1.50
CA GLU A 302 -16.17 23.05 -2.41
C GLU A 302 -14.81 23.23 -1.76
N GLY A 303 -13.77 23.06 -2.58
CA GLY A 303 -12.39 23.11 -2.10
C GLY A 303 -11.85 21.83 -1.49
N SER A 304 -12.61 20.75 -1.48
CA SER A 304 -12.11 19.48 -0.94
C SER A 304 -10.91 19.00 -1.74
N GLU A 305 -9.90 18.53 -1.04
CA GLU A 305 -8.79 17.83 -1.69
C GLU A 305 -9.31 16.44 -2.10
N PRO A 306 -8.98 15.94 -3.32
CA PRO A 306 -9.28 14.54 -3.60
C PRO A 306 -8.45 13.60 -2.72
N GLY A 307 -8.95 12.37 -2.53
CA GLY A 307 -8.33 11.42 -1.60
C GLY A 307 -6.93 10.92 -1.98
N SER A 308 -6.16 10.52 -0.97
CA SER A 308 -4.86 9.92 -1.14
C SER A 308 -4.51 9.20 0.17
N GLU A 309 -3.38 8.50 0.17
CA GLU A 309 -2.89 7.75 1.33
C GLU A 309 -2.55 8.63 2.53
N ASP A 310 -2.25 9.91 2.31
CA ASP A 310 -2.05 10.84 3.46
C ASP A 310 -3.17 11.85 3.63
N MET A 311 -4.35 11.54 3.07
CA MET A 311 -5.61 12.15 3.47
C MET A 311 -6.68 11.09 3.17
N ASP A 312 -6.65 10.01 3.95
CA ASP A 312 -7.38 8.78 3.62
C ASP A 312 -8.91 9.03 3.63
N ALA A 313 -9.36 9.85 4.57
CA ALA A 313 -10.79 10.10 4.70
C ALA A 313 -11.34 10.85 3.49
N ALA A 314 -10.49 11.55 2.75
CA ALA A 314 -10.95 12.28 1.55
C ALA A 314 -11.17 11.43 0.30
N LYS A 315 -10.97 10.13 0.42
CA LYS A 315 -11.34 9.21 -0.63
C LYS A 315 -12.85 9.01 -0.66
N TRP A 316 -13.54 9.25 0.46
CA TRP A 316 -14.94 8.89 0.55
C TRP A 316 -15.82 10.02 0.09
N LYS A 317 -17.10 9.74 -0.02
CA LYS A 317 -18.10 10.71 -0.38
C LYS A 317 -17.94 12.02 0.43
N PRO A 318 -18.07 13.18 -0.20
CA PRO A 318 -17.90 14.46 0.51
C PRO A 318 -19.12 14.86 1.35
N ASN A 319 -19.50 13.99 2.28
CA ASN A 319 -20.55 14.27 3.25
C ASN A 319 -19.92 14.61 4.59
N LEU A 320 -20.59 15.51 5.29
CA LEU A 320 -20.20 15.96 6.61
C LEU A 320 -20.87 15.06 7.62
N LYS A 321 -20.11 14.60 8.59
CA LYS A 321 -20.63 13.82 9.71
C LYS A 321 -19.80 14.09 10.94
N ILE A 322 -20.44 14.68 11.95
CA ILE A 322 -19.76 14.99 13.21
C ILE A 322 -20.52 14.36 14.38
N LYS A 323 -19.80 13.66 15.24
CA LYS A 323 -20.41 13.16 16.48
C LYS A 323 -20.61 14.29 17.48
N GLU A 324 -19.56 15.08 17.71
CA GLU A 324 -19.60 16.20 18.66
C GLU A 324 -18.50 17.24 18.34
N LEU A 325 -18.85 18.52 18.41
CA LEU A 325 -17.84 19.54 18.49
C LEU A 325 -17.76 20.00 19.91
N ARG A 326 -16.58 19.91 20.53
CA ARG A 326 -16.38 20.47 21.86
C ARG A 326 -15.51 21.69 21.77
N LEU A 327 -16.04 22.81 22.24
CA LEU A 327 -15.36 24.08 22.22
C LEU A 327 -14.75 24.29 23.60
N HIS A 328 -13.42 24.46 23.65
CA HIS A 328 -12.67 24.44 24.88
C HIS A 328 -12.09 25.80 25.17
N ARG A 329 -11.76 26.04 26.44
CA ARG A 329 -11.13 27.28 26.87
C ARG A 329 -9.63 27.16 27.09
N GLU A 330 -9.19 26.07 27.72
CA GLU A 330 -7.78 25.86 28.05
C GLU A 330 -6.94 25.79 26.77
N ALA A 331 -5.81 26.49 26.75
CA ALA A 331 -4.88 26.49 25.62
C ALA A 331 -4.32 25.09 25.32
N ARG A 332 -4.28 24.73 24.05
CA ARG A 332 -3.67 23.49 23.62
C ARG A 332 -2.99 23.73 22.31
N LEU A 333 -1.94 22.98 22.05
CA LEU A 333 -1.25 23.08 20.77
C LEU A 333 -2.20 22.59 19.67
N ASP A 334 -2.14 23.23 18.50
CA ASP A 334 -2.94 22.83 17.36
C ASP A 334 -2.55 21.39 16.94
N GLN A 335 -3.56 20.55 16.81
CA GLN A 335 -3.41 19.16 16.29
C GLN A 335 -2.43 18.34 17.12
N TRP A 336 -2.58 18.46 18.43
CA TRP A 336 -1.59 17.93 19.38
C TRP A 336 -1.58 16.43 19.50
N GLU A 337 -2.74 15.81 19.30
CA GLU A 337 -2.86 14.34 19.36
C GLU A 337 -1.82 13.71 18.44
N GLY A 338 -1.76 14.23 17.21
CA GLY A 338 -0.80 13.80 16.19
C GLY A 338 0.62 14.17 16.52
N LYS A 339 0.81 15.36 17.03
CA LYS A 339 2.13 15.85 17.38
C LYS A 339 2.72 15.12 18.59
N ALA A 340 1.86 14.64 19.47
CA ALA A 340 2.29 13.80 20.59
C ALA A 340 2.59 12.33 20.21
N GLY A 341 2.26 11.94 18.98
CA GLY A 341 2.61 10.62 18.47
C GLY A 341 1.59 9.55 18.82
N LEU A 342 0.40 9.95 19.28
CA LEU A 342 -0.72 9.00 19.52
C LEU A 342 -1.36 8.40 18.27
N VAL A 343 -1.22 9.12 17.17
CA VAL A 343 -1.79 8.74 15.88
C VAL A 343 -0.87 9.37 14.81
N TRP A 344 -0.86 8.78 13.60
CA TRP A 344 -0.04 9.23 12.45
C TRP A 344 -0.73 10.40 11.75
N ARG A 345 -0.16 11.59 11.93
CA ARG A 345 -0.72 12.85 11.46
C ARG A 345 0.39 13.85 11.19
N VAL A 346 0.19 14.74 10.23
CA VAL A 346 1.07 15.89 10.03
C VAL A 346 0.25 17.15 9.90
N ALA A 347 0.62 18.18 10.65
CA ALA A 347 0.02 19.49 10.50
C ALA A 347 1.07 20.55 10.71
N SER A 348 0.78 21.76 10.25
CA SER A 348 1.64 22.91 10.51
C SER A 348 1.92 23.14 12.00
N SER A 349 3.06 23.72 12.30
CA SER A 349 3.28 24.33 13.62
C SER A 349 2.14 25.27 13.97
N THR A 350 1.87 25.40 15.26
CA THR A 350 0.85 26.29 15.79
C THR A 350 1.33 27.73 15.62
N LYS A 351 0.48 28.61 15.12
CA LYS A 351 0.81 30.03 14.95
C LYS A 351 0.83 30.73 16.30
N LYS A 352 1.61 31.82 16.39
CA LYS A 352 1.66 32.63 17.62
C LYS A 352 0.34 33.34 17.93
N GLU A 353 -0.47 33.61 16.90
CA GLU A 353 -1.83 34.18 17.06
C GLU A 353 -2.72 33.21 17.83
N GLU A 354 -2.40 31.93 17.79
CA GLU A 354 -3.15 30.91 18.49
C GLU A 354 -2.56 30.57 19.85
N ILE A 355 -1.25 30.46 19.94
CA ILE A 355 -0.62 30.13 21.20
C ILE A 355 0.55 31.10 21.37
N GLY A 356 0.28 32.17 22.10
CA GLY A 356 1.31 33.17 22.49
C GLY A 356 1.97 32.77 23.81
N GLU A 357 3.09 33.42 24.15
CA GLU A 357 3.83 33.07 25.37
C GLU A 357 2.97 33.20 26.67
N GLN A 358 2.04 34.16 26.71
CA GLN A 358 0.97 34.19 27.74
C GLN A 358 0.22 32.86 27.94
N ASP A 359 -0.01 32.11 26.85
CA ASP A 359 -0.74 30.83 26.89
C ASP A 359 0.07 29.59 27.31
N CYS A 360 1.38 29.74 27.49
CA CYS A 360 2.28 28.63 27.79
C CYS A 360 2.75 28.72 29.23
N TYR A 361 2.89 27.57 29.90
CA TYR A 361 3.49 27.52 31.27
C TYR A 361 5.02 27.50 31.27
N ALA A 362 5.65 28.42 31.99
CA ALA A 362 7.09 28.32 32.29
C ALA A 362 7.34 27.12 33.23
N LEU A 363 8.53 26.54 33.18
CA LEU A 363 8.91 25.41 34.07
C LEU A 363 8.81 25.75 35.57
N SER A 364 9.22 26.97 35.91
CA SER A 364 9.16 27.46 37.28
C SER A 364 7.74 27.66 37.82
N GLN A 365 6.74 27.76 36.94
CA GLN A 365 5.34 27.81 37.37
C GLN A 365 4.80 26.45 37.82
N ILE A 366 5.40 25.36 37.33
CA ILE A 366 4.85 24.03 37.55
C ILE A 366 5.56 23.39 38.73
N ILE A 367 4.80 22.90 39.68
CA ILE A 367 5.34 22.18 40.84
C ILE A 367 5.12 20.69 40.62
N ASN A 368 6.18 19.92 40.82
CA ASN A 368 6.20 18.48 40.58
C ASN A 368 5.92 17.71 41.87
N LEU A 369 4.78 17.03 41.94
CA LEU A 369 4.31 16.37 43.15
C LEU A 369 4.42 14.84 43.09
N THR A 370 5.26 14.29 42.20
CA THR A 370 5.47 12.83 42.14
C THR A 370 5.90 12.27 43.49
N ASP A 371 6.94 12.88 44.06
CA ASP A 371 7.56 12.44 45.33
C ASP A 371 6.55 12.30 46.47
N PRO A 372 5.76 13.35 46.77
CA PRO A 372 4.64 13.16 47.73
C PRO A 372 3.69 11.98 47.45
N PHE A 373 3.41 11.72 46.16
CA PHE A 373 2.38 10.76 45.74
C PHE A 373 2.80 9.31 46.00
N THR A 385 -4.03 8.08 47.00
CA THR A 385 -4.26 9.41 47.59
C THR A 385 -3.00 10.27 47.62
N LEU A 386 -3.22 11.58 47.70
CA LEU A 386 -2.16 12.59 47.77
C LEU A 386 -2.23 13.36 49.08
N THR A 387 -1.06 13.58 49.68
CA THR A 387 -0.89 14.44 50.85
C THR A 387 0.35 15.33 50.65
N ALA A 388 0.12 16.64 50.46
CA ALA A 388 1.19 17.62 50.26
C ALA A 388 0.68 19.03 50.55
N THR A 389 1.57 20.00 50.45
CA THR A 389 1.24 21.40 50.72
C THR A 389 1.63 22.27 49.54
N LEU A 390 0.65 22.93 48.95
CA LEU A 390 0.86 23.85 47.83
C LEU A 390 0.60 25.28 48.29
N PRO A 391 1.22 26.26 47.59
CA PRO A 391 0.84 27.68 47.77
C PRO A 391 -0.66 27.94 47.60
N LYS A 392 -1.10 29.17 47.86
CA LYS A 392 -2.50 29.55 47.72
C LYS A 392 -2.92 29.63 46.25
N GLY A 393 -4.20 29.92 46.01
CA GLY A 393 -4.76 29.95 44.65
C GLY A 393 -5.26 28.57 44.26
N LYS A 394 -5.77 28.48 43.03
CA LYS A 394 -6.30 27.23 42.50
C LYS A 394 -5.29 26.55 41.58
N TRP A 395 -5.21 25.23 41.72
CA TRP A 395 -4.23 24.40 41.01
C TRP A 395 -4.90 23.25 40.27
N LYS A 396 -4.39 22.94 39.07
CA LYS A 396 -4.81 21.78 38.30
C LYS A 396 -3.84 20.64 38.60
N LEU A 397 -4.39 19.48 38.98
CA LEU A 397 -3.60 18.30 39.32
C LEU A 397 -3.59 17.29 38.15
N LEU A 398 -2.57 17.41 37.31
CA LEU A 398 -2.42 16.55 36.14
C LEU A 398 -1.71 15.26 36.51
N ARG A 399 -2.48 14.21 36.72
CA ARG A 399 -1.94 12.89 37.00
C ARG A 399 -1.66 12.22 35.66
N MET A 400 -0.38 11.99 35.36
CA MET A 400 0.05 11.37 34.11
C MET A 400 0.68 10.00 34.33
N GLY A 401 0.35 9.05 33.46
CA GLY A 401 0.88 7.69 33.50
C GLY A 401 0.68 7.01 32.15
N HIS A 402 0.78 5.68 32.10
CA HIS A 402 0.69 4.97 30.83
C HIS A 402 -0.19 3.75 30.91
N THR A 403 -0.80 3.37 29.79
CA THR A 403 -1.57 2.13 29.66
C THR A 403 -1.48 1.56 28.23
N ALA A 404 -1.98 0.34 28.06
CA ALA A 404 -2.07 -0.27 26.72
C ALA A 404 -2.96 0.54 25.75
N THR A 405 -2.60 0.53 24.47
CA THR A 405 -3.39 1.20 23.45
C THR A 405 -4.62 0.37 23.09
N GLY A 406 -4.62 -0.90 23.44
CA GLY A 406 -5.77 -1.75 23.17
C GLY A 406 -5.75 -2.48 21.83
N HIS A 407 -4.68 -2.37 21.07
CA HIS A 407 -4.64 -2.98 19.72
C HIS A 407 -4.29 -4.47 19.76
N THR A 408 -4.94 -5.24 18.87
CA THR A 408 -4.78 -6.70 18.76
C THR A 408 -4.47 -7.09 17.31
N ASN A 409 -3.93 -8.30 17.11
CA ASN A 409 -3.88 -8.89 15.77
C ASN A 409 -5.26 -9.46 15.44
N ALA A 410 -6.15 -8.53 15.04
CA ALA A 410 -7.60 -8.74 14.91
C ALA A 410 -8.04 -9.71 13.83
N THR A 411 -7.15 -10.10 12.93
CA THR A 411 -7.49 -11.05 11.88
C THR A 411 -6.98 -12.44 12.19
N ALA A 412 -6.43 -12.60 13.39
CA ALA A 412 -6.03 -13.89 13.89
C ALA A 412 -7.23 -14.75 14.34
N GLY A 413 -6.95 -16.00 14.60
CA GLY A 413 -7.92 -16.93 15.19
C GLY A 413 -7.37 -17.35 16.53
N GLY A 414 -6.91 -18.59 16.64
CA GLY A 414 -6.37 -19.15 17.86
C GLY A 414 -5.17 -18.40 18.44
N GLY A 415 -4.43 -17.68 17.58
CA GLY A 415 -3.26 -16.88 18.00
C GLY A 415 -3.50 -15.38 18.23
N LYS A 416 -4.76 -15.00 18.43
CA LYS A 416 -5.19 -13.61 18.60
C LYS A 416 -4.91 -13.09 19.99
N GLY A 417 -4.37 -11.88 20.07
CA GLY A 417 -4.24 -11.17 21.35
C GLY A 417 -3.62 -9.79 21.21
N LEU A 418 -3.09 -9.24 22.30
CA LEU A 418 -2.50 -7.90 22.28
C LEU A 418 -1.19 -7.85 21.47
N GLU A 419 -1.06 -6.74 20.75
CA GLU A 419 0.15 -6.35 20.05
C GLU A 419 1.29 -6.09 21.03
N CYS A 420 2.48 -6.61 20.74
CA CYS A 420 3.62 -6.41 21.62
C CYS A 420 4.05 -4.94 21.65
N ASP A 421 4.65 -4.52 22.77
CA ASP A 421 5.24 -3.21 22.90
C ASP A 421 6.41 -3.13 21.90
N LYS A 422 6.35 -2.13 21.03
CA LYS A 422 7.28 -2.02 19.90
C LYS A 422 8.63 -1.38 20.27
N PHE A 423 8.74 -0.87 21.50
CA PHE A 423 9.98 -0.27 22.01
C PHE A 423 10.69 -1.13 23.07
N ASN A 424 10.12 -2.29 23.39
CA ASN A 424 10.58 -3.16 24.47
C ASN A 424 11.23 -4.42 23.85
N PRO A 425 12.58 -4.53 23.92
CA PRO A 425 13.27 -5.62 23.22
C PRO A 425 12.74 -6.97 23.65
N LYS A 426 12.49 -7.13 24.96
CA LYS A 426 12.06 -8.40 25.53
C LYS A 426 10.69 -8.85 25.03
N ALA A 427 9.73 -7.91 24.96
CA ALA A 427 8.39 -8.21 24.43
C ALA A 427 8.45 -8.59 22.94
N VAL A 428 9.38 -7.99 22.20
CA VAL A 428 9.52 -8.31 20.78
C VAL A 428 10.09 -9.70 20.62
N ARG A 429 11.12 -10.02 21.41
CA ARG A 429 11.72 -11.37 21.46
C ARG A 429 10.72 -12.44 21.86
N LYS A 430 9.88 -12.10 22.81
CA LYS A 430 8.85 -12.99 23.30
C LYS A 430 7.86 -13.36 22.21
N GLN A 431 7.39 -12.34 21.49
CA GLN A 431 6.53 -12.54 20.33
C GLN A 431 7.16 -13.48 19.28
N PHE A 432 8.42 -13.23 18.92
CA PHE A 432 9.20 -14.14 18.08
C PHE A 432 9.23 -15.60 18.61
N ASP A 433 9.48 -15.78 19.91
CA ASP A 433 9.60 -17.11 20.52
C ASP A 433 8.30 -17.90 20.52
N ASN A 434 7.17 -17.21 20.70
CA ASN A 434 5.88 -17.87 20.85
C ASN A 434 5.11 -18.20 19.58
N TRP A 435 5.56 -17.76 18.39
CA TRP A 435 4.86 -18.12 17.16
C TRP A 435 5.83 -18.61 16.10
N PHE A 436 6.70 -17.73 15.62
CA PHE A 436 7.57 -18.10 14.51
C PHE A 436 8.61 -19.15 14.95
N ALA A 437 9.24 -18.94 16.10
CA ALA A 437 10.23 -19.91 16.64
C ALA A 437 9.64 -21.31 16.85
N GLN A 438 8.36 -21.36 17.19
CA GLN A 438 7.66 -22.61 17.47
C GLN A 438 7.43 -23.48 16.26
N ALA A 439 7.48 -22.91 15.07
CA ALA A 439 7.39 -23.70 13.85
C ALA A 439 8.62 -24.56 13.63
N PHE A 440 9.73 -24.30 14.32
CA PHE A 440 10.95 -25.16 14.31
C PHE A 440 11.01 -26.22 15.40
N VAL A 441 10.07 -26.14 16.34
CA VAL A 441 9.97 -27.02 17.51
C VAL A 441 8.76 -27.95 17.39
N LYS A 442 7.57 -27.39 17.15
CA LYS A 442 6.33 -28.15 17.16
C LYS A 442 5.97 -28.90 15.88
N THR A 443 6.86 -28.93 14.89
CA THR A 443 6.53 -29.53 13.58
C THR A 443 7.42 -30.74 13.32
N ASN A 444 8.61 -30.48 12.79
CA ASN A 444 9.57 -31.51 12.45
C ASN A 444 10.87 -30.75 12.27
N PRO A 445 11.68 -30.62 13.33
CA PRO A 445 12.80 -29.67 13.27
C PRO A 445 13.73 -29.74 12.03
N ASP A 446 14.08 -30.95 11.57
CA ASP A 446 15.00 -31.08 10.43
C ASP A 446 14.42 -30.61 9.09
N VAL A 447 13.14 -30.92 8.86
CA VAL A 447 12.40 -30.44 7.67
C VAL A 447 12.21 -28.91 7.76
N ALA A 448 11.81 -28.41 8.93
CA ALA A 448 11.65 -26.96 9.11
C ALA A 448 12.96 -26.20 8.81
N ARG A 449 14.09 -26.74 9.29
CA ARG A 449 15.43 -26.18 8.99
C ARG A 449 15.81 -26.06 7.49
N ARG A 450 15.18 -26.84 6.62
CA ARG A 450 15.43 -26.80 5.16
C ARG A 450 14.44 -25.97 4.35
N VAL A 451 13.17 -25.97 4.76
CA VAL A 451 12.10 -25.37 3.97
C VAL A 451 11.65 -23.99 4.50
N LEU A 452 11.65 -23.81 5.82
CA LEU A 452 11.20 -22.54 6.41
C LEU A 452 12.39 -21.55 6.47
N LYS A 453 12.54 -20.76 5.42
CA LYS A 453 13.72 -19.92 5.20
C LYS A 453 13.43 -18.44 5.25
N TYR A 454 12.17 -18.08 5.46
CA TYR A 454 11.69 -16.71 5.35
C TYR A 454 10.79 -16.37 6.51
N MET A 455 11.08 -15.26 7.16
CA MET A 455 10.29 -14.67 8.24
C MET A 455 9.79 -13.32 7.74
N HIS A 456 8.47 -13.11 7.76
CA HIS A 456 7.83 -11.96 7.18
C HIS A 456 7.16 -11.12 8.25
N VAL A 457 7.23 -9.79 8.09
CA VAL A 457 6.37 -8.81 8.81
C VAL A 457 5.60 -8.03 7.75
N ASP A 458 4.27 -8.03 7.83
CA ASP A 458 3.42 -7.38 6.83
C ASP A 458 3.30 -5.88 7.18
N SER A 459 2.36 -5.20 6.52
CA SER A 459 2.11 -3.76 6.72
C SER A 459 1.42 -3.47 8.06
N TRP A 460 1.87 -2.43 8.76
CA TRP A 460 1.43 -2.18 10.12
C TRP A 460 -0.03 -1.77 10.14
N GLU A 461 -0.78 -2.34 11.06
CA GLU A 461 -2.20 -2.05 11.27
C GLU A 461 -2.58 -1.97 12.76
N CYS A 462 -1.61 -1.61 13.62
CA CYS A 462 -1.77 -1.61 15.06
C CYS A 462 -1.67 -0.22 15.69
N GLY A 463 -1.96 0.83 14.91
CA GLY A 463 -1.88 2.22 15.38
C GLY A 463 -0.48 2.68 15.75
N SER A 464 -0.45 3.76 16.51
CA SER A 464 0.81 4.34 17.00
C SER A 464 0.98 4.11 18.49
N GLN A 465 2.17 4.43 18.96
CA GLN A 465 2.47 4.43 20.37
C GLN A 465 3.52 5.49 20.68
N ASN A 466 3.46 5.99 21.92
CA ASN A 466 4.33 7.08 22.36
C ASN A 466 4.97 6.92 23.74
N TRP A 467 4.91 5.71 24.30
CA TRP A 467 5.61 5.42 25.55
C TRP A 467 6.03 3.95 25.65
N SER A 468 7.01 3.73 26.52
CA SER A 468 7.36 2.43 27.06
C SER A 468 8.23 2.74 28.27
N ASP A 469 8.54 1.71 29.08
CA ASP A 469 9.33 1.92 30.31
C ASP A 469 10.79 2.29 30.11
N THR A 470 11.29 2.18 28.88
CA THR A 470 12.63 2.60 28.52
C THR A 470 12.64 3.93 27.76
N PHE A 471 11.46 4.52 27.52
CA PHE A 471 11.36 5.64 26.59
C PHE A 471 12.04 6.94 27.04
N ALA A 472 11.92 7.28 28.32
CA ALA A 472 12.64 8.44 28.88
C ALA A 472 14.18 8.36 28.74
N ALA A 473 14.72 7.17 28.98
CA ALA A 473 16.16 6.92 28.88
C ALA A 473 16.65 6.94 27.43
N GLU A 474 15.84 6.37 26.53
CA GLU A 474 16.16 6.42 25.09
C GLU A 474 16.15 7.85 24.58
N PHE A 475 15.15 8.62 24.98
CA PHE A 475 15.03 9.99 24.55
C PHE A 475 16.24 10.79 24.98
N ARG A 476 16.69 10.56 26.22
CA ARG A 476 17.80 11.29 26.81
C ARG A 476 19.11 11.02 26.07
N LYS A 477 19.44 9.73 25.87
CA LYS A 477 20.61 9.33 25.07
C LYS A 477 20.56 9.90 23.67
N ARG A 478 19.41 9.77 23.00
CA ARG A 478 19.31 10.13 21.57
C ARG A 478 19.15 11.62 21.30
N ARG A 479 18.36 12.31 22.10
CA ARG A 479 18.08 13.72 21.85
C ARG A 479 18.96 14.64 22.70
N GLY A 480 19.64 14.10 23.70
CA GLY A 480 20.60 14.87 24.53
C GLY A 480 20.03 15.77 25.62
N TYR A 481 18.74 15.61 25.93
CA TYR A 481 18.11 16.30 27.07
C TYR A 481 16.91 15.51 27.64
N ASP A 482 16.50 15.89 28.83
CA ASP A 482 15.47 15.16 29.56
C ASP A 482 14.07 15.57 29.10
N LEU A 483 13.26 14.57 28.75
CA LEU A 483 11.86 14.77 28.39
C LEU A 483 10.95 14.96 29.61
N MET A 484 11.29 14.30 30.72
CA MET A 484 10.41 14.18 31.90
C MET A 484 9.74 15.46 32.39
N PRO A 485 10.49 16.57 32.56
CA PRO A 485 9.81 17.82 32.98
C PRO A 485 8.82 18.36 31.96
N TYR A 486 8.98 17.96 30.71
CA TYR A 486 8.12 18.43 29.64
C TYR A 486 6.98 17.46 29.32
N LEU A 487 6.71 16.53 30.21
CA LEU A 487 5.70 15.53 29.97
C LEU A 487 4.29 16.08 29.64
N PRO A 488 3.88 17.25 30.19
CA PRO A 488 2.55 17.79 29.84
C PRO A 488 2.33 18.19 28.36
N LEU A 489 3.41 18.32 27.60
CA LEU A 489 3.35 18.45 26.15
C LEU A 489 2.65 17.26 25.49
N LEU A 490 2.75 16.07 26.07
CA LEU A 490 2.11 14.87 25.51
C LEU A 490 0.59 14.86 25.72
N ALA A 491 0.11 15.80 26.54
CA ALA A 491 -1.31 16.19 26.57
C ALA A 491 -1.63 17.45 25.73
N GLY A 492 -0.69 17.91 24.92
CA GLY A 492 -0.83 19.16 24.17
C GLY A 492 -0.91 20.46 24.97
N ILE A 493 -0.44 20.45 26.21
CA ILE A 493 -0.44 21.66 27.03
C ILE A 493 0.84 22.44 26.69
N PRO A 494 0.71 23.64 26.12
CA PRO A 494 1.92 24.36 25.68
C PRO A 494 2.83 24.80 26.82
N MET A 495 4.15 24.65 26.65
CA MET A 495 5.17 25.09 27.61
C MET A 495 6.24 25.96 26.98
N GLU A 496 6.62 27.02 27.71
CA GLU A 496 7.66 27.99 27.32
C GLU A 496 7.25 28.84 26.10
N SER A 497 7.12 28.21 24.93
CA SER A 497 6.55 28.86 23.75
C SER A 497 5.94 27.80 22.81
N ALA A 498 5.19 28.26 21.82
CA ALA A 498 4.63 27.34 20.85
C ALA A 498 5.78 26.64 20.12
N GLU A 499 6.81 27.38 19.71
CA GLU A 499 7.96 26.81 19.00
C GLU A 499 8.77 25.82 19.85
N ARG A 500 9.07 26.17 21.10
CA ARG A 500 9.80 25.23 21.97
C ARG A 500 9.00 23.94 22.15
N SER A 501 7.70 24.07 22.36
CA SER A 501 6.83 22.93 22.54
C SER A 501 6.86 22.00 21.33
N GLU A 502 6.69 22.58 20.16
CA GLU A 502 6.61 21.80 18.92
C GLU A 502 7.95 21.23 18.45
N LYS A 503 9.04 21.92 18.79
CA LYS A 503 10.39 21.37 18.63
C LYS A 503 10.57 20.13 19.53
N ILE A 504 10.10 20.19 20.77
CA ILE A 504 10.23 19.04 21.67
C ILE A 504 9.36 17.89 21.19
N LEU A 505 8.10 18.18 20.88
CA LEU A 505 7.22 17.14 20.34
C LEU A 505 7.77 16.48 19.06
N ARG A 506 8.44 17.25 18.19
CA ARG A 506 9.08 16.68 17.02
C ARG A 506 10.14 15.65 17.43
N ASP A 507 10.97 16.03 18.40
CA ASP A 507 11.95 15.13 19.03
C ASP A 507 11.36 13.84 19.62
N VAL A 508 10.17 13.94 20.19
CA VAL A 508 9.47 12.76 20.68
C VAL A 508 9.15 11.85 19.51
N ARG A 509 8.61 12.44 18.44
CA ARG A 509 8.21 11.68 17.26
C ARG A 509 9.45 11.04 16.61
N THR A 510 10.53 11.81 16.49
CA THR A 510 11.81 11.28 15.98
C THR A 510 12.27 10.07 16.78
N THR A 511 12.18 10.15 18.11
CA THR A 511 12.58 9.05 18.97
C THR A 511 11.68 7.85 18.72
N ILE A 512 10.38 8.08 18.71
CA ILE A 512 9.41 7.03 18.38
C ILE A 512 9.84 6.22 17.16
N GLY A 513 10.09 6.90 16.04
CA GLY A 513 10.46 6.23 14.83
C GLY A 513 11.81 5.53 14.86
N GLU A 514 12.78 6.13 15.55
CA GLU A 514 14.07 5.51 15.74
C GLU A 514 13.94 4.21 16.51
N LEU A 515 13.04 4.18 17.49
CA LEU A 515 12.88 2.97 18.31
C LEU A 515 12.20 1.82 17.58
N VAL A 516 11.34 2.13 16.59
CA VAL A 516 10.72 1.08 15.78
C VAL A 516 11.83 0.31 15.06
N VAL A 517 12.87 1.03 14.62
CA VAL A 517 13.98 0.45 13.89
C VAL A 517 14.98 -0.20 14.83
N ASP A 518 15.43 0.56 15.81
CA ASP A 518 16.51 0.10 16.70
C ASP A 518 16.09 -0.97 17.72
N VAL A 519 14.78 -1.15 17.96
CA VAL A 519 14.30 -2.19 18.84
C VAL A 519 13.54 -3.25 18.03
N PHE A 520 12.32 -2.95 17.59
CA PHE A 520 11.47 -3.95 16.94
C PHE A 520 12.22 -4.55 15.73
N TYR A 521 12.69 -3.72 14.81
CA TYR A 521 13.35 -4.29 13.61
C TYR A 521 14.69 -4.95 13.88
N GLN A 522 15.50 -4.33 14.74
CA GLN A 522 16.81 -4.86 15.10
C GLN A 522 16.66 -6.23 15.77
N VAL A 523 15.72 -6.34 16.70
CA VAL A 523 15.53 -7.58 17.42
C VAL A 523 15.09 -8.71 16.45
N LEU A 524 14.12 -8.42 15.59
CA LEU A 524 13.64 -9.43 14.64
C LEU A 524 14.74 -9.82 13.61
N ALA A 525 15.59 -8.87 13.25
CA ALA A 525 16.70 -9.14 12.32
C ALA A 525 17.68 -10.12 12.94
N ASP A 526 17.96 -9.92 14.22
CA ASP A 526 18.83 -10.81 14.98
C ASP A 526 18.23 -12.18 15.13
N CYS A 527 16.94 -12.22 15.47
CA CYS A 527 16.22 -13.48 15.54
C CYS A 527 16.24 -14.22 14.20
N ALA A 528 16.08 -13.47 13.10
CA ALA A 528 16.08 -14.04 11.74
C ALA A 528 17.42 -14.66 11.34
N LYS A 529 18.52 -13.91 11.52
CA LYS A 529 19.88 -14.47 11.30
C LYS A 529 20.12 -15.66 12.22
N GLU A 530 19.66 -15.58 13.46
CA GLU A 530 19.79 -16.68 14.39
C GLU A 530 19.14 -17.96 13.86
N TYR A 531 17.97 -17.86 13.25
CA TYR A 531 17.27 -19.04 12.69
C TYR A 531 17.57 -19.30 11.20
N ASP A 532 18.57 -18.61 10.65
CA ASP A 532 18.99 -18.76 9.26
C ASP A 532 17.83 -18.44 8.30
N CYS A 533 17.17 -17.33 8.56
CA CYS A 533 16.04 -16.93 7.78
C CYS A 533 16.34 -15.62 7.12
N GLN A 534 15.73 -15.40 5.95
CA GLN A 534 15.67 -14.10 5.30
C GLN A 534 14.47 -13.32 5.88
N PHE A 535 14.63 -12.00 6.01
CA PHE A 535 13.63 -11.14 6.61
C PHE A 535 13.00 -10.25 5.53
N SER A 536 11.71 -10.50 5.21
CA SER A 536 10.94 -9.58 4.38
C SER A 536 10.08 -8.64 5.23
N ALA A 537 9.90 -7.42 4.81
CA ALA A 537 9.06 -6.51 5.57
C ALA A 537 8.37 -5.52 4.65
N GLU A 538 7.10 -5.25 4.98
CA GLU A 538 6.27 -4.24 4.29
C GLU A 538 6.29 -2.93 5.10
N CYS A 539 5.38 -1.99 4.81
CA CYS A 539 5.47 -0.63 5.33
C CYS A 539 5.03 -0.45 6.80
N VAL A 540 5.61 0.57 7.45
CA VAL A 540 5.24 1.00 8.81
C VAL A 540 4.25 2.17 8.74
N ALA A 541 4.56 3.11 7.87
CA ALA A 541 3.65 4.16 7.42
C ALA A 541 2.42 3.61 6.70
N PRO A 542 1.23 4.20 6.82
CA PRO A 542 0.98 5.49 7.49
C PRO A 542 0.16 5.34 8.77
N THR A 543 0.47 4.32 9.55
CA THR A 543 -0.27 3.98 10.76
C THR A 543 0.55 4.16 12.04
N MET A 544 1.87 3.99 11.94
CA MET A 544 2.73 4.14 13.07
C MET A 544 3.68 5.27 12.77
N VAL A 545 3.83 6.20 13.72
CA VAL A 545 4.71 7.33 13.55
C VAL A 545 6.11 6.77 13.30
N SER A 546 6.77 7.31 12.29
CA SER A 546 7.95 6.67 11.70
C SER A 546 8.58 7.55 10.61
N ASP A 547 9.83 7.25 10.28
CA ASP A 547 10.37 7.58 8.97
C ASP A 547 10.13 6.33 8.16
N GLY A 548 9.22 6.40 7.18
CA GLY A 548 8.77 5.18 6.46
C GLY A 548 9.80 4.41 5.65
N LEU A 549 11.00 5.00 5.47
CA LEU A 549 12.12 4.37 4.77
C LEU A 549 13.05 3.65 5.68
N LEU A 550 13.08 4.11 6.92
CA LEU A 550 14.20 3.85 7.84
C LEU A 550 14.41 2.40 8.21
N HIS A 551 13.33 1.67 8.42
CA HIS A 551 13.38 0.26 8.85
C HIS A 551 13.88 -0.73 7.81
N TYR A 552 13.86 -0.34 6.54
CA TYR A 552 14.32 -1.22 5.45
C TYR A 552 15.81 -1.50 5.50
N GLN A 553 16.57 -0.67 6.21
CA GLN A 553 17.99 -0.94 6.41
C GLN A 553 18.23 -2.24 7.19
N LYS A 554 17.25 -2.63 8.02
CA LYS A 554 17.39 -3.81 8.86
C LYS A 554 16.88 -5.09 8.24
N VAL A 555 16.29 -5.03 7.05
CA VAL A 555 15.66 -6.22 6.47
C VAL A 555 16.37 -6.65 5.19
N ASP A 556 16.25 -7.93 4.84
CA ASP A 556 16.91 -8.44 3.63
C ASP A 556 16.07 -8.10 2.38
N LEU A 557 14.73 -8.14 2.54
CA LEU A 557 13.78 -8.12 1.43
C LEU A 557 12.67 -7.10 1.68
N PRO A 558 12.88 -5.82 1.26
CA PRO A 558 11.82 -4.85 1.33
C PRO A 558 10.67 -5.24 0.41
N MET A 559 9.43 -4.95 0.82
CA MET A 559 8.27 -5.50 0.16
C MET A 559 7.21 -4.41 0.05
N GLY A 560 6.88 -4.02 -1.18
CA GLY A 560 5.80 -3.06 -1.41
C GLY A 560 4.47 -3.80 -1.65
N GLU A 561 3.45 -3.05 -2.03
CA GLU A 561 2.15 -3.63 -2.31
C GLU A 561 1.46 -2.82 -3.42
N PHE A 562 0.85 -3.54 -4.35
CA PHE A 562 0.00 -2.90 -5.35
C PHE A 562 -1.30 -3.65 -5.56
N TRP A 563 -2.39 -2.90 -5.64
CA TRP A 563 -3.72 -3.48 -5.77
C TRP A 563 -4.25 -3.44 -7.20
N LEU A 564 -5.16 -4.38 -7.48
CA LEU A 564 -5.88 -4.49 -8.70
C LEU A 564 -7.28 -3.93 -8.51
N ASN A 565 -7.66 -3.01 -9.39
CA ASN A 565 -9.00 -2.45 -9.46
C ASN A 565 -9.58 -2.01 -8.11
N SER A 566 -8.74 -1.35 -7.31
CA SER A 566 -9.09 -0.97 -5.97
C SER A 566 -8.47 0.38 -5.62
N PRO A 567 -8.82 1.46 -6.36
CA PRO A 567 -8.20 2.75 -6.08
C PRO A 567 -8.29 3.24 -4.61
N THR A 568 -9.37 2.93 -3.91
CA THR A 568 -9.53 3.33 -2.50
C THR A 568 -8.56 2.67 -1.56
N HIS A 569 -8.10 1.46 -1.86
CA HIS A 569 -7.21 0.65 -0.98
C HIS A 569 -5.77 0.44 -1.52
N ASP A 570 -5.47 0.99 -2.69
CA ASP A 570 -4.15 0.82 -3.28
C ASP A 570 -3.11 1.62 -2.47
N LYS A 571 -1.85 1.21 -2.52
CA LYS A 571 -0.82 1.87 -1.75
C LYS A 571 0.43 2.19 -2.57
N PRO A 572 0.28 3.15 -3.51
CA PRO A 572 1.43 3.50 -4.31
C PRO A 572 2.57 4.11 -3.44
N ASN A 573 2.21 4.89 -2.44
CA ASN A 573 3.21 5.41 -1.51
C ASN A 573 3.95 4.30 -0.77
N ASP A 574 3.28 3.18 -0.45
CA ASP A 574 3.95 2.03 0.20
C ASP A 574 4.98 1.41 -0.77
N MET A 575 4.59 1.32 -2.03
CA MET A 575 5.46 0.80 -3.06
C MET A 575 6.75 1.61 -3.13
N LEU A 576 6.62 2.93 -3.18
CA LEU A 576 7.80 3.81 -3.27
C LEU A 576 8.64 3.81 -1.99
N ASP A 577 8.02 3.58 -0.82
CA ASP A 577 8.79 3.41 0.45
C ASP A 577 9.72 2.19 0.34
N ALA A 578 9.16 1.07 -0.13
CA ALA A 578 9.90 -0.18 -0.20
C ALA A 578 10.99 -0.15 -1.26
N ILE A 579 10.66 0.40 -2.42
CA ILE A 579 11.62 0.55 -3.50
C ILE A 579 12.74 1.52 -3.13
N SER A 580 12.36 2.68 -2.62
CA SER A 580 13.33 3.69 -2.24
C SER A 580 14.19 3.17 -1.11
N GLY A 581 13.57 2.58 -0.10
CA GLY A 581 14.32 1.95 0.96
C GLY A 581 15.33 0.94 0.43
N ALA A 582 14.88 0.03 -0.45
CA ALA A 582 15.78 -0.99 -0.96
C ALA A 582 16.97 -0.37 -1.70
N HIS A 583 16.67 0.59 -2.59
CA HIS A 583 17.65 1.28 -3.40
C HIS A 583 18.70 2.02 -2.57
N ILE A 584 18.25 2.80 -1.57
CA ILE A 584 19.19 3.56 -0.73
C ILE A 584 19.98 2.71 0.29
N TYR A 585 19.40 1.62 0.74
CA TYR A 585 20.09 0.75 1.72
C TYR A 585 20.72 -0.49 1.06
N GLY A 586 20.66 -0.55 -0.26
CA GLY A 586 21.43 -1.54 -1.03
C GLY A 586 20.86 -2.94 -1.02
N LYS A 587 19.52 -3.07 -1.02
CA LYS A 587 18.84 -4.38 -1.02
C LYS A 587 18.44 -4.62 -2.47
N ASN A 588 19.01 -5.63 -3.09
CA ASN A 588 18.85 -5.83 -4.52
C ASN A 588 17.50 -6.50 -4.90
N ILE A 589 17.00 -7.37 -4.05
CA ILE A 589 15.70 -8.02 -4.30
C ILE A 589 14.58 -7.27 -3.56
N ILE A 590 13.59 -6.85 -4.34
CA ILE A 590 12.48 -6.06 -3.90
C ILE A 590 11.18 -6.82 -4.19
N GLN A 591 10.59 -7.32 -3.13
CA GLN A 591 9.37 -8.12 -3.22
C GLN A 591 8.18 -7.20 -3.28
N ALA A 592 7.07 -7.75 -3.80
CA ALA A 592 5.81 -7.01 -3.81
C ALA A 592 4.62 -7.93 -3.66
N GLU A 593 3.73 -7.57 -2.75
CA GLU A 593 2.40 -8.20 -2.65
C GLU A 593 1.58 -7.63 -3.78
N GLY A 594 1.27 -8.44 -4.78
CA GLY A 594 0.61 -7.93 -5.99
C GLY A 594 -0.79 -8.48 -6.23
N PHE A 595 -1.64 -7.62 -6.80
CA PHE A 595 -2.98 -7.95 -7.33
C PHE A 595 -4.08 -8.01 -6.27
N THR A 596 -3.76 -7.56 -5.07
CA THR A 596 -4.76 -7.50 -3.99
C THR A 596 -5.96 -6.72 -4.53
N GLU A 597 -7.14 -7.27 -4.34
CA GLU A 597 -8.32 -6.82 -5.00
C GLU A 597 -9.41 -6.72 -3.94
N VAL A 598 -9.86 -5.49 -3.65
CA VAL A 598 -10.80 -5.25 -2.56
C VAL A 598 -12.14 -5.98 -2.76
N ARG A 599 -12.67 -6.00 -4.00
CA ARG A 599 -13.75 -6.95 -4.35
C ARG A 599 -13.49 -7.66 -5.67
N GLY A 600 -13.17 -8.94 -5.59
CA GLY A 600 -13.00 -9.79 -6.78
C GLY A 600 -14.36 -10.18 -7.35
N THR A 601 -14.49 -10.11 -8.68
CA THR A 601 -15.74 -10.44 -9.37
C THR A 601 -15.65 -11.63 -10.35
N TRP A 602 -14.52 -12.34 -10.37
CA TRP A 602 -14.37 -13.65 -11.09
C TRP A 602 -14.25 -13.55 -12.58
N ASN A 603 -13.99 -12.34 -13.05
CA ASN A 603 -13.72 -12.05 -14.43
C ASN A 603 -12.24 -11.76 -14.63
N GLU A 604 -11.42 -11.94 -13.60
CA GLU A 604 -9.99 -11.63 -13.67
C GLU A 604 -9.24 -12.84 -14.30
N HIS A 605 -8.23 -12.58 -15.16
CA HIS A 605 -7.34 -13.60 -15.77
C HIS A 605 -6.00 -12.93 -16.18
N PRO A 606 -4.93 -13.71 -16.46
CA PRO A 606 -3.59 -13.12 -16.66
C PRO A 606 -3.49 -11.99 -17.69
N GLY A 607 -4.16 -12.11 -18.81
CA GLY A 607 -4.28 -11.03 -19.77
C GLY A 607 -4.47 -9.66 -19.16
N ILE A 608 -5.43 -9.50 -18.25
CA ILE A 608 -5.70 -8.15 -17.71
C ILE A 608 -4.89 -7.81 -16.46
N LEU A 609 -3.99 -8.70 -16.02
CA LEU A 609 -3.01 -8.43 -14.97
C LEU A 609 -1.65 -7.89 -15.45
N LYS A 610 -1.37 -8.04 -16.74
CA LYS A 610 0.00 -7.83 -17.29
C LYS A 610 0.44 -6.37 -17.22
N ALA A 611 -0.40 -5.48 -17.73
CA ALA A 611 -0.05 -4.06 -17.72
C ALA A 611 0.20 -3.57 -16.30
N LEU A 612 -0.69 -3.97 -15.38
CA LEU A 612 -0.53 -3.67 -13.96
C LEU A 612 0.78 -4.17 -13.37
N LEU A 613 1.13 -5.42 -13.66
CA LEU A 613 2.40 -5.94 -13.23
C LEU A 613 3.57 -5.16 -13.85
N ASP A 614 3.52 -4.93 -15.16
CA ASP A 614 4.63 -4.24 -15.87
C ASP A 614 4.93 -2.85 -15.33
N ARG A 615 3.88 -2.08 -14.97
CA ARG A 615 4.18 -0.78 -14.41
C ARG A 615 4.76 -0.82 -13.00
N ASN A 616 4.55 -1.90 -12.25
CA ASN A 616 5.26 -2.08 -11.01
C ASN A 616 6.67 -2.63 -11.17
N TYR A 617 6.91 -3.42 -12.21
CA TYR A 617 8.29 -3.71 -12.57
C TYR A 617 8.98 -2.38 -12.94
N ALA A 618 8.30 -1.53 -13.69
CA ALA A 618 8.89 -0.23 -14.06
C ALA A 618 9.33 0.58 -12.83
N LEU A 619 8.56 0.54 -11.75
CA LEU A 619 8.91 1.23 -10.50
C LEU A 619 10.14 0.72 -9.81
N GLY A 620 10.42 -0.57 -9.96
CA GLY A 620 11.60 -1.23 -9.45
C GLY A 620 11.41 -2.55 -8.66
N ILE A 621 10.21 -3.14 -8.59
CA ILE A 621 10.10 -4.41 -7.90
C ILE A 621 10.72 -5.50 -8.78
N ASN A 622 11.19 -6.58 -8.19
CA ASN A 622 11.68 -7.69 -9.01
C ASN A 622 11.43 -9.08 -8.45
N ARG A 623 10.56 -9.21 -7.44
CA ARG A 623 10.02 -10.54 -7.06
C ARG A 623 8.56 -10.42 -6.61
N LEU A 624 7.66 -10.76 -7.54
CA LEU A 624 6.25 -10.77 -7.27
C LEU A 624 5.82 -11.85 -6.26
N PHE A 625 5.01 -11.43 -5.30
CA PHE A 625 4.18 -12.32 -4.51
C PHE A 625 2.72 -12.10 -4.89
N PHE A 626 2.06 -13.19 -5.33
CA PHE A 626 0.68 -13.14 -5.69
C PHE A 626 -0.19 -13.00 -4.43
N HIS A 627 -1.09 -12.04 -4.42
CA HIS A 627 -2.11 -11.94 -3.38
C HIS A 627 -3.44 -12.29 -4.06
N VAL A 628 -4.07 -13.43 -3.80
CA VAL A 628 -3.72 -14.38 -2.76
C VAL A 628 -4.14 -15.79 -3.16
N TYR A 629 -3.36 -16.77 -2.71
CA TYR A 629 -3.73 -18.18 -2.81
C TYR A 629 -4.46 -18.61 -1.55
N VAL A 630 -5.77 -18.86 -1.64
CA VAL A 630 -6.56 -19.32 -0.47
C VAL A 630 -6.66 -20.86 -0.51
N HIS A 631 -6.31 -21.49 0.61
CA HIS A 631 -6.51 -22.94 0.77
C HIS A 631 -8.02 -23.33 0.68
N ASN A 632 -8.35 -24.17 -0.32
CA ASN A 632 -9.69 -24.71 -0.51
C ASN A 632 -9.69 -26.16 0.02
N PRO A 633 -10.20 -26.39 1.25
CA PRO A 633 -10.05 -27.71 1.85
C PRO A 633 -10.89 -28.84 1.23
N TRP A 634 -11.85 -28.51 0.35
CA TRP A 634 -12.77 -29.46 -0.26
C TRP A 634 -12.47 -29.76 -1.72
N LEU A 635 -12.16 -31.00 -2.05
CA LEU A 635 -11.83 -31.38 -3.44
C LEU A 635 -13.02 -31.37 -4.41
N ASP A 636 -14.24 -31.31 -3.89
CA ASP A 636 -15.47 -31.41 -4.70
C ASP A 636 -16.28 -30.10 -4.86
N ARG A 637 -15.73 -28.97 -4.39
CA ARG A 637 -16.39 -27.66 -4.53
C ARG A 637 -15.43 -26.68 -5.20
N LYS A 638 -15.92 -25.96 -6.22
CA LYS A 638 -15.13 -24.97 -6.94
C LYS A 638 -15.98 -23.74 -7.25
N PRO A 639 -15.41 -22.53 -7.27
CA PRO A 639 -13.97 -22.27 -7.03
C PRO A 639 -13.53 -22.34 -5.54
N GLY A 640 -14.48 -22.49 -4.62
CA GLY A 640 -14.15 -22.73 -3.21
C GLY A 640 -13.86 -21.55 -2.27
N MET A 641 -13.12 -21.87 -1.20
CA MET A 641 -12.81 -20.93 -0.15
C MET A 641 -11.97 -19.75 -0.65
N THR A 642 -12.41 -18.54 -0.28
CA THR A 642 -11.69 -17.29 -0.51
C THR A 642 -11.61 -16.46 0.77
N LEU A 643 -10.82 -15.40 0.71
CA LEU A 643 -10.72 -14.37 1.78
C LEU A 643 -11.96 -13.47 1.72
N ASP A 644 -13.13 -14.07 1.96
CA ASP A 644 -14.43 -13.38 1.77
C ASP A 644 -14.55 -12.46 0.54
N GLY A 645 -14.13 -12.97 -0.62
CA GLY A 645 -14.25 -12.25 -1.88
C GLY A 645 -13.18 -11.21 -2.19
N ILE A 646 -12.18 -11.08 -1.31
CA ILE A 646 -11.05 -10.21 -1.53
C ILE A 646 -10.13 -11.04 -2.44
N GLY A 647 -9.84 -10.51 -3.63
CA GLY A 647 -8.95 -11.19 -4.56
C GLY A 647 -7.50 -10.77 -4.39
N LEU A 648 -6.63 -11.13 -5.33
CA LEU A 648 -6.95 -11.85 -6.56
C LEU A 648 -7.17 -13.35 -6.21
N PHE A 649 -8.18 -13.96 -6.84
CA PHE A 649 -8.48 -15.37 -6.61
C PHE A 649 -7.44 -16.23 -7.35
N PHE A 650 -6.24 -16.34 -6.78
CA PHE A 650 -5.14 -17.03 -7.45
C PHE A 650 -4.91 -18.43 -6.86
N GLN A 651 -5.64 -19.43 -7.37
CA GLN A 651 -5.63 -20.74 -6.73
C GLN A 651 -6.05 -21.88 -7.66
N ARG A 652 -5.80 -23.12 -7.22
CA ARG A 652 -5.90 -24.32 -8.10
C ARG A 652 -7.27 -24.47 -8.80
N ASP A 653 -8.35 -23.99 -8.16
CA ASP A 653 -9.68 -24.11 -8.73
C ASP A 653 -10.07 -23.01 -9.70
N GLN A 654 -9.13 -22.10 -10.00
CA GLN A 654 -9.31 -21.22 -11.16
C GLN A 654 -9.39 -21.99 -12.46
N THR A 655 -10.29 -21.54 -13.32
CA THR A 655 -10.48 -22.17 -14.63
C THR A 655 -9.16 -22.24 -15.37
N TRP A 656 -8.40 -21.15 -15.27
CA TRP A 656 -7.13 -20.98 -15.96
C TRP A 656 -5.91 -21.35 -15.15
N TRP A 657 -6.02 -22.10 -14.04
CA TRP A 657 -4.84 -22.38 -13.23
C TRP A 657 -3.78 -23.20 -14.00
N ASN A 658 -4.17 -24.34 -14.57
CA ASN A 658 -3.17 -25.33 -14.99
C ASN A 658 -2.25 -24.85 -16.11
N LYS A 659 -2.83 -24.17 -17.10
CA LYS A 659 -2.10 -23.58 -18.24
C LYS A 659 -1.83 -22.07 -18.13
N GLY A 660 -2.84 -21.32 -17.66
CA GLY A 660 -2.76 -19.86 -17.53
C GLY A 660 -1.78 -19.39 -16.47
N ALA A 661 -1.85 -19.96 -15.28
CA ALA A 661 -0.93 -19.53 -14.21
C ALA A 661 0.51 -19.93 -14.50
N LYS A 662 0.69 -21.08 -15.13
CA LYS A 662 2.00 -21.54 -15.52
C LYS A 662 2.62 -20.63 -16.58
N ALA A 663 1.85 -20.29 -17.62
CA ALA A 663 2.35 -19.41 -18.68
C ALA A 663 2.72 -18.03 -18.17
N PHE A 664 1.84 -17.46 -17.33
CA PHE A 664 2.10 -16.16 -16.69
C PHE A 664 3.36 -16.23 -15.81
N CYS A 665 3.48 -17.27 -14.99
CA CYS A 665 4.66 -17.45 -14.13
C CYS A 665 5.97 -17.69 -14.92
N GLU A 666 5.86 -18.19 -16.14
CA GLU A 666 7.03 -18.31 -17.02
C GLU A 666 7.51 -16.93 -17.41
N TYR A 667 6.59 -16.12 -17.94
CA TYR A 667 6.78 -14.67 -18.21
C TYR A 667 7.41 -13.91 -17.06
N ILE A 668 6.84 -14.14 -15.89
CA ILE A 668 7.29 -13.46 -14.66
C ILE A 668 8.71 -13.86 -14.28
N THR A 669 9.01 -15.15 -14.41
CA THR A 669 10.32 -15.66 -14.05
C THR A 669 11.39 -15.09 -14.98
N ARG A 670 11.15 -15.16 -16.27
CA ARG A 670 12.05 -14.55 -17.26
C ARG A 670 12.28 -13.07 -17.02
N CYS A 671 11.18 -12.33 -16.74
CA CYS A 671 11.26 -10.91 -16.41
C CYS A 671 12.13 -10.66 -15.20
N GLN A 672 11.91 -11.47 -14.15
CA GLN A 672 12.61 -11.27 -12.91
C GLN A 672 14.07 -11.71 -12.96
N SER A 673 14.44 -12.66 -13.81
CA SER A 673 15.83 -13.05 -13.91
C SER A 673 16.69 -11.87 -14.32
N LEU A 674 16.16 -11.04 -15.24
CA LEU A 674 16.83 -9.85 -15.75
C LEU A 674 16.63 -8.65 -14.85
N LEU A 675 15.43 -8.47 -14.28
CA LEU A 675 15.21 -7.36 -13.33
C LEU A 675 15.91 -7.54 -11.94
N GLN A 676 16.41 -8.73 -11.62
CA GLN A 676 17.30 -8.92 -10.47
C GLN A 676 18.82 -8.78 -10.81
N TYR A 677 19.14 -8.62 -12.09
CA TYR A 677 20.53 -8.53 -12.53
C TYR A 677 21.15 -7.13 -12.28
N GLY A 678 22.38 -7.09 -11.77
CA GLY A 678 23.10 -5.83 -11.59
C GLY A 678 22.40 -4.87 -10.62
N HIS A 679 22.39 -3.59 -10.96
CA HIS A 679 21.85 -2.53 -10.10
C HIS A 679 20.87 -1.66 -10.90
N PRO A 680 19.81 -1.14 -10.22
CA PRO A 680 18.88 -0.22 -10.87
C PRO A 680 19.56 1.12 -11.07
N VAL A 681 19.18 1.84 -12.12
CA VAL A 681 19.74 3.14 -12.41
C VAL A 681 18.68 4.20 -12.15
N ALA A 682 19.04 5.20 -11.36
CA ALA A 682 18.22 6.38 -11.19
C ALA A 682 19.13 7.57 -10.98
N ASP A 683 18.88 8.63 -11.73
CA ASP A 683 19.73 9.81 -11.72
C ASP A 683 19.33 10.81 -10.63
N ILE A 684 18.08 10.77 -10.17
CA ILE A 684 17.56 11.81 -9.25
C ILE A 684 17.23 11.21 -7.86
N ALA A 685 17.82 11.80 -6.83
CA ALA A 685 17.48 11.55 -5.44
C ALA A 685 16.69 12.77 -4.93
N VAL A 686 15.62 12.53 -4.19
CA VAL A 686 14.76 13.60 -3.65
C VAL A 686 14.72 13.45 -2.13
N PHE A 687 15.12 14.49 -1.41
CA PHE A 687 15.22 14.47 0.03
C PHE A 687 13.84 14.50 0.66
N THR A 688 13.62 13.67 1.69
CA THR A 688 12.28 13.57 2.35
C THR A 688 12.14 14.40 3.62
N GLY A 689 13.17 15.14 3.98
CA GLY A 689 13.02 16.23 4.94
C GLY A 689 13.22 15.76 6.36
N GLU A 690 12.86 16.65 7.28
CA GLU A 690 13.00 16.42 8.73
C GLU A 690 11.70 16.58 9.54
N GLU A 691 10.53 16.58 8.90
CA GLU A 691 9.29 16.45 9.66
C GLU A 691 9.11 14.99 10.11
N MET A 692 8.31 14.78 11.16
CA MET A 692 7.88 13.46 11.60
C MET A 692 6.34 13.41 11.82
N PRO A 693 5.67 12.40 11.30
CA PRO A 693 6.23 11.33 10.48
C PRO A 693 6.66 11.77 9.07
N ARG A 694 7.37 10.89 8.40
CA ARG A 694 7.76 11.15 7.04
C ARG A 694 7.88 9.87 6.29
N ARG A 695 7.90 9.98 4.97
CA ARG A 695 8.04 8.80 4.10
C ARG A 695 8.46 9.24 2.70
N SER A 696 8.50 8.27 1.77
CA SER A 696 8.87 8.57 0.37
C SER A 696 7.87 9.51 -0.22
N ILE A 697 8.31 10.23 -1.23
CA ILE A 697 7.44 11.24 -1.88
C ILE A 697 6.85 10.70 -3.18
N LEU A 698 5.54 10.89 -3.32
CA LEU A 698 4.82 10.51 -4.51
C LEU A 698 5.07 11.49 -5.65
N PRO A 699 5.03 11.00 -6.92
CA PRO A 699 5.35 11.90 -8.05
C PRO A 699 4.50 13.18 -8.07
N GLU A 700 3.21 13.07 -7.83
CA GLU A 700 2.32 14.21 -7.85
C GLU A 700 2.81 15.34 -6.94
N ARG A 701 3.35 15.00 -5.79
CA ARG A 701 3.77 15.98 -4.82
C ARG A 701 5.02 16.77 -5.22
N LEU A 702 5.82 16.23 -6.16
CA LEU A 702 6.96 16.92 -6.74
C LEU A 702 6.68 17.82 -7.93
N VAL A 703 5.45 17.86 -8.43
CA VAL A 703 5.10 18.68 -9.59
C VAL A 703 5.30 20.21 -9.40
N PRO A 704 4.91 20.80 -8.24
CA PRO A 704 5.27 22.22 -8.05
C PRO A 704 6.79 22.49 -7.89
N SER A 705 7.57 21.49 -7.50
CA SER A 705 9.05 21.62 -7.40
C SER A 705 9.76 21.47 -8.75
N LEU A 706 9.30 20.54 -9.58
CA LEU A 706 9.93 20.28 -10.89
C LEU A 706 8.96 20.42 -12.08
N PRO A 707 8.23 21.55 -12.16
CA PRO A 707 7.23 21.66 -13.23
C PRO A 707 7.79 21.46 -14.62
N GLY A 708 9.05 21.86 -14.82
CA GLY A 708 9.72 21.65 -16.08
C GLY A 708 9.91 20.18 -16.44
N ILE A 709 10.33 19.36 -15.46
CA ILE A 709 10.61 17.92 -15.69
C ILE A 709 9.33 17.18 -16.06
N PHE A 710 8.22 17.52 -15.39
CA PHE A 710 6.92 16.90 -15.62
C PHE A 710 6.26 17.41 -16.88
N GLY A 711 6.48 18.69 -17.19
CA GLY A 711 5.96 19.31 -18.38
C GLY A 711 4.64 20.05 -18.14
N ALA A 712 4.39 21.05 -18.99
CA ALA A 712 3.24 21.96 -18.87
C ALA A 712 1.90 21.22 -18.86
N GLU A 713 1.79 20.12 -19.60
CA GLU A 713 0.52 19.37 -19.67
C GLU A 713 0.23 18.65 -18.36
N ARG A 714 1.26 18.14 -17.71
CA ARG A 714 1.10 17.59 -16.37
C ARG A 714 0.72 18.67 -15.35
N VAL A 715 1.37 19.83 -15.43
CA VAL A 715 1.07 20.95 -14.53
C VAL A 715 -0.41 21.26 -14.64
N GLU A 716 -0.89 21.32 -15.88
CA GLU A 716 -2.26 21.71 -16.15
C GLU A 716 -3.29 20.68 -15.68
N SER A 717 -3.06 19.40 -15.94
CA SER A 717 -3.96 18.34 -15.46
C SER A 717 -3.98 18.21 -13.96
N GLU A 718 -2.85 18.50 -13.29
CA GLU A 718 -2.81 18.52 -11.82
C GLU A 718 -3.60 19.66 -11.21
N ARG A 719 -3.57 20.82 -11.82
CA ARG A 719 -4.37 21.96 -11.38
C ARG A 719 -5.87 21.69 -11.54
N ILE A 720 -6.27 21.01 -12.61
CA ILE A 720 -7.68 20.69 -12.82
C ILE A 720 -8.08 19.62 -11.81
N ARG A 721 -7.24 18.59 -11.67
CA ARG A 721 -7.50 17.51 -10.75
C ARG A 721 -7.61 17.99 -9.28
N LEU A 722 -6.62 18.76 -8.82
CA LEU A 722 -6.61 19.26 -7.45
C LEU A 722 -7.69 20.33 -7.16
N ALA A 723 -8.16 21.02 -8.18
CA ALA A 723 -9.24 21.99 -8.02
C ALA A 723 -10.58 21.25 -7.79
N ASN A 724 -10.66 20.01 -8.31
CA ASN A 724 -11.68 19.05 -7.91
C ASN A 724 -13.11 19.60 -7.91
N GLU A 725 -13.41 20.30 -9.00
CA GLU A 725 -14.62 21.07 -9.17
C GLU A 725 -15.83 20.13 -9.28
N GLY A 726 -16.88 20.41 -8.49
CA GLY A 726 -17.98 19.48 -8.33
C GLY A 726 -17.74 18.22 -7.49
N GLN A 727 -16.54 18.01 -6.91
CA GLN A 727 -16.18 16.79 -6.13
C GLN A 727 -16.75 15.50 -6.75
N PRO A 728 -16.40 15.24 -8.03
CA PRO A 728 -17.05 14.11 -8.72
C PRO A 728 -16.72 12.74 -8.07
N LEU A 729 -17.69 11.84 -8.19
CA LEU A 729 -17.62 10.48 -7.64
C LEU A 729 -17.42 9.46 -8.75
N ARG A 730 -16.83 8.34 -8.39
CA ARG A 730 -16.66 7.21 -9.25
C ARG A 730 -16.94 5.99 -8.38
N VAL A 731 -17.48 4.96 -9.03
CA VAL A 731 -17.71 3.70 -8.39
C VAL A 731 -16.74 2.69 -8.99
N ARG A 732 -15.80 2.19 -8.20
CA ARG A 732 -14.84 1.16 -8.65
C ARG A 732 -14.12 0.57 -7.44
N PRO A 733 -14.11 -0.74 -7.25
CA PRO A 733 -14.99 -1.69 -7.99
C PRO A 733 -16.46 -1.47 -7.59
N VAL A 734 -17.33 -2.35 -8.08
CA VAL A 734 -18.76 -2.44 -7.76
C VAL A 734 -19.00 -2.19 -6.27
N GLY A 735 -19.83 -1.18 -5.97
CA GLY A 735 -20.23 -0.89 -4.61
C GLY A 735 -19.27 0.03 -3.85
N VAL A 736 -18.16 0.46 -4.45
CA VAL A 736 -17.19 1.34 -3.74
C VAL A 736 -17.19 2.71 -4.41
N THR A 737 -17.97 3.61 -3.83
CA THR A 737 -18.11 4.95 -4.29
C THR A 737 -16.99 5.80 -3.68
N HIS A 738 -16.32 6.59 -4.52
CA HIS A 738 -15.18 7.38 -4.04
C HIS A 738 -14.87 8.58 -4.92
N SER A 739 -13.94 9.42 -4.48
CA SER A 739 -13.59 10.65 -5.19
C SER A 739 -12.89 10.27 -6.51
N ALA A 740 -13.47 10.75 -7.63
CA ALA A 740 -13.01 10.40 -8.95
C ALA A 740 -11.67 11.04 -9.31
N ASN A 741 -11.31 12.13 -8.64
CA ASN A 741 -10.00 12.79 -8.87
C ASN A 741 -8.85 12.30 -7.99
N MET A 742 -9.10 11.26 -7.21
CA MET A 742 -8.07 10.44 -6.61
C MET A 742 -6.88 10.25 -7.54
N SER A 743 -5.70 10.34 -6.97
CA SER A 743 -4.52 10.09 -7.76
C SER A 743 -4.51 8.60 -8.11
N ASP A 744 -4.27 8.34 -9.37
CA ASP A 744 -4.40 7.05 -9.95
C ASP A 744 -3.02 6.61 -10.50
N PRO A 745 -2.33 5.67 -9.82
CA PRO A 745 -0.95 5.27 -10.26
C PRO A 745 -0.80 4.84 -11.74
N GLU A 746 -1.90 4.41 -12.34
CA GLU A 746 -2.00 4.18 -13.79
C GLU A 746 -1.76 5.43 -14.68
N LYS A 747 -2.08 6.62 -14.14
CA LYS A 747 -1.86 7.91 -14.84
C LYS A 747 -0.50 8.54 -14.57
N TRP A 748 0.38 7.82 -13.88
CA TRP A 748 1.72 8.26 -13.51
C TRP A 748 2.81 7.27 -13.96
N VAL A 749 2.62 6.66 -15.13
CA VAL A 749 3.71 5.94 -15.78
C VAL A 749 4.76 6.93 -16.35
N ASN A 750 6.05 6.71 -16.07
CA ASN A 750 7.14 7.56 -16.61
C ASN A 750 6.89 9.06 -16.39
N PRO A 751 6.57 9.45 -15.15
CA PRO A 751 6.12 10.83 -14.93
C PRO A 751 7.20 11.90 -15.08
N LEU A 752 8.47 11.53 -14.82
CA LEU A 752 9.62 12.44 -15.07
C LEU A 752 10.17 12.40 -16.53
N ARG A 753 9.44 11.71 -17.42
CA ARG A 753 9.67 11.74 -18.87
C ARG A 753 11.10 11.41 -19.25
N GLY A 754 11.58 10.26 -18.73
CA GLY A 754 12.87 9.69 -19.10
C GLY A 754 13.94 9.71 -18.03
N TYR A 755 13.60 10.18 -16.84
CA TYR A 755 14.44 9.98 -15.66
C TYR A 755 13.70 9.12 -14.66
N ALA A 756 14.47 8.55 -13.73
CA ALA A 756 13.94 7.79 -12.58
C ALA A 756 14.44 8.48 -11.31
N TYR A 757 13.68 8.32 -10.23
CA TYR A 757 14.06 8.89 -8.93
C TYR A 757 13.74 7.99 -7.75
N ASP A 758 14.54 8.13 -6.70
CA ASP A 758 14.33 7.52 -5.41
C ASP A 758 14.14 8.62 -4.42
N SER A 759 13.27 8.37 -3.44
CA SER A 759 13.26 9.16 -2.22
C SER A 759 14.45 8.77 -1.36
N PHE A 760 14.90 9.74 -0.59
CA PHE A 760 16.16 9.63 0.10
C PHE A 760 16.10 10.42 1.41
N ASN A 761 16.45 9.78 2.54
CA ASN A 761 16.26 10.31 3.90
C ASN A 761 17.55 10.76 4.62
N LYS A 762 17.32 11.48 5.71
CA LYS A 762 18.39 12.04 6.54
C LYS A 762 19.40 10.98 6.96
N ASP A 763 18.93 9.81 7.39
CA ASP A 763 19.82 8.75 7.76
C ASP A 763 20.77 8.35 6.61
N ALA A 764 20.22 8.16 5.41
CA ALA A 764 21.07 7.83 4.27
C ALA A 764 22.06 8.95 3.88
N LEU A 765 21.58 10.18 3.88
CA LEU A 765 22.43 11.34 3.65
C LEU A 765 23.62 11.38 4.62
N LEU A 766 23.34 11.29 5.91
CA LEU A 766 24.37 11.48 6.93
C LEU A 766 25.28 10.27 7.09
N ARG A 767 24.73 9.07 7.03
CA ARG A 767 25.49 7.87 7.38
C ARG A 767 26.12 7.17 6.18
N LEU A 768 25.57 7.35 4.99
CA LEU A 768 25.96 6.52 3.85
C LEU A 768 26.44 7.29 2.61
N ALA A 769 26.01 8.52 2.41
CA ALA A 769 26.25 9.17 1.11
C ALA A 769 27.72 9.52 0.92
N LYS A 770 28.20 9.30 -0.30
CA LYS A 770 29.56 9.66 -0.70
C LYS A 770 29.48 10.38 -2.04
N ALA A 771 30.37 11.34 -2.26
CA ALA A 771 30.57 11.93 -3.58
C ALA A 771 31.68 11.17 -4.25
N GLU A 772 31.42 10.70 -5.46
CA GLU A 772 32.41 10.04 -6.33
C GLU A 772 32.11 10.49 -7.76
N ASN A 773 33.09 11.16 -8.36
CA ASN A 773 33.05 11.45 -9.77
C ASN A 773 31.79 12.28 -10.17
N GLY A 774 31.46 13.26 -9.33
CA GLY A 774 30.32 14.14 -9.58
C GLY A 774 28.94 13.65 -9.15
N ARG A 775 28.83 12.38 -8.73
CA ARG A 775 27.55 11.75 -8.36
C ARG A 775 27.55 11.37 -6.86
N MET A 776 26.37 11.35 -6.22
CA MET A 776 26.22 10.89 -4.85
C MET A 776 26.01 9.38 -4.85
N THR A 777 26.90 8.63 -4.23
CA THR A 777 26.84 7.18 -4.22
C THR A 777 26.51 6.64 -2.84
N LEU A 778 25.91 5.46 -2.82
CA LEU A 778 25.59 4.73 -1.61
C LEU A 778 26.07 3.30 -1.83
N PRO A 779 26.41 2.55 -0.74
CA PRO A 779 26.68 1.11 -0.90
C PRO A 779 25.51 0.34 -1.51
N GLY A 780 25.85 -0.64 -2.35
CA GLY A 780 24.86 -1.40 -3.12
C GLY A 780 24.55 -0.87 -4.51
N GLY A 781 25.08 0.29 -4.87
CA GLY A 781 25.12 0.70 -6.29
C GLY A 781 24.30 1.90 -6.72
N ALA A 782 23.57 2.54 -5.82
CA ALA A 782 22.84 3.74 -6.16
C ALA A 782 23.86 4.81 -6.47
N SER A 783 23.63 5.55 -7.54
CA SER A 783 24.48 6.65 -7.93
C SER A 783 23.61 7.73 -8.57
N TYR A 784 23.48 8.87 -7.87
CA TYR A 784 22.62 9.94 -8.31
C TYR A 784 23.44 11.12 -8.75
N LYS A 785 23.04 11.76 -9.86
CA LYS A 785 23.58 13.05 -10.26
C LYS A 785 22.91 14.24 -9.58
N VAL A 786 21.60 14.16 -9.33
CA VAL A 786 20.79 15.30 -8.91
C VAL A 786 20.21 15.04 -7.53
N LEU A 787 20.21 16.07 -6.69
CA LEU A 787 19.57 15.98 -5.38
C LEU A 787 18.56 17.08 -5.30
N VAL A 788 17.28 16.71 -5.20
CA VAL A 788 16.20 17.66 -5.09
C VAL A 788 15.90 17.86 -3.61
N LEU A 789 15.92 19.12 -3.19
CA LEU A 789 15.45 19.50 -1.87
C LEU A 789 14.10 20.15 -2.04
N PRO A 790 13.00 19.37 -1.95
CA PRO A 790 11.71 19.92 -2.38
C PRO A 790 11.20 21.20 -1.67
N LEU A 791 10.39 21.98 -2.39
CA LEU A 791 9.57 23.04 -1.81
C LEU A 791 8.65 22.47 -0.70
N PRO A 792 8.18 23.36 0.20
CA PRO A 792 7.25 22.94 1.22
C PRO A 792 6.03 22.25 0.60
N ARG A 793 5.57 21.19 1.25
CA ARG A 793 4.60 20.28 0.64
C ARG A 793 3.60 19.86 1.72
N PRO A 794 2.49 19.21 1.36
CA PRO A 794 1.51 18.81 2.37
C PRO A 794 2.06 18.03 3.56
N MET A 795 2.95 17.10 3.30
CA MET A 795 3.60 16.32 4.36
C MET A 795 4.77 17.03 5.08
N ASN A 796 5.19 18.18 4.61
CA ASN A 796 6.23 18.96 5.27
C ASN A 796 5.89 20.43 5.05
N PRO A 797 4.81 20.92 5.70
CA PRO A 797 4.27 22.25 5.41
C PRO A 797 5.01 23.44 5.99
N ASP A 798 5.81 23.23 7.05
CA ASP A 798 6.49 24.37 7.71
C ASP A 798 7.49 25.08 6.79
N PRO A 799 8.48 24.38 6.19
CA PRO A 799 8.89 23.02 6.49
C PRO A 799 9.86 22.95 7.67
N ALA A 800 10.13 21.77 8.18
CA ALA A 800 11.02 21.63 9.33
C ALA A 800 12.40 22.15 8.90
N ALA A 801 13.05 22.94 9.76
CA ALA A 801 14.37 23.49 9.44
C ALA A 801 15.36 22.36 9.21
N LEU A 802 16.32 22.59 8.30
CA LEU A 802 17.41 21.64 8.09
C LEU A 802 18.37 21.78 9.27
N SER A 803 18.71 20.65 9.88
CA SER A 803 19.64 20.64 10.98
C SER A 803 21.04 21.03 10.43
N PRO A 804 21.95 21.49 11.32
CA PRO A 804 23.28 21.94 10.82
C PRO A 804 24.03 20.84 10.05
N GLU A 805 23.93 19.60 10.55
CA GLU A 805 24.57 18.40 9.95
C GLU A 805 24.16 18.19 8.49
N VAL A 806 22.84 18.31 8.25
CA VAL A 806 22.28 18.15 6.93
C VAL A 806 22.77 19.28 6.03
N LYS A 807 22.61 20.52 6.46
CA LYS A 807 23.18 21.67 5.72
C LYS A 807 24.64 21.39 5.36
N GLN A 808 25.40 20.90 6.33
CA GLN A 808 26.82 20.63 6.16
C GLN A 808 27.07 19.53 5.10
N LYS A 809 26.29 18.44 5.14
CA LYS A 809 26.45 17.36 4.15
C LYS A 809 25.99 17.82 2.75
N ILE A 810 24.92 18.62 2.68
CA ILE A 810 24.42 19.16 1.39
C ILE A 810 25.49 20.01 0.73
N ASN A 811 26.08 20.91 1.52
CA ASN A 811 27.17 21.77 1.03
C ASN A 811 28.37 20.98 0.51
N GLU A 812 28.77 19.93 1.20
CA GLU A 812 29.85 19.06 0.70
C GLU A 812 29.53 18.45 -0.67
N LEU A 813 28.27 18.04 -0.87
CA LEU A 813 27.83 17.46 -2.13
C LEU A 813 27.72 18.50 -3.27
N LYS A 814 27.18 19.72 -3.01
CA LYS A 814 27.28 20.85 -3.96
C LYS A 814 28.73 20.99 -4.45
N GLU A 815 29.69 21.08 -3.53
CA GLU A 815 31.13 21.26 -3.87
C GLU A 815 31.78 20.11 -4.64
N ALA A 816 31.31 18.88 -4.44
CA ALA A 816 31.81 17.72 -5.19
C ALA A 816 31.13 17.51 -6.57
N GLY A 817 30.34 18.48 -7.04
CA GLY A 817 29.74 18.47 -8.39
C GLY A 817 28.32 17.92 -8.53
N ILE A 818 27.66 17.63 -7.42
CA ILE A 818 26.27 17.12 -7.47
C ILE A 818 25.29 18.26 -7.72
N LEU A 819 24.42 18.12 -8.71
CA LEU A 819 23.45 19.16 -9.04
C LEU A 819 22.39 19.28 -7.95
N ILE A 820 22.25 20.47 -7.37
CA ILE A 820 21.22 20.74 -6.38
C ILE A 820 20.47 21.92 -6.92
N PRO A 821 19.46 21.64 -7.76
CA PRO A 821 18.83 22.70 -8.52
C PRO A 821 17.97 23.65 -7.69
N SER A 822 17.92 24.89 -8.18
CA SER A 822 17.04 25.91 -7.66
C SER A 822 15.61 25.64 -8.13
N LEU A 823 14.67 25.78 -7.21
CA LEU A 823 13.29 25.40 -7.47
C LEU A 823 12.40 26.64 -7.46
N PRO A 824 11.34 26.69 -8.27
CA PRO A 824 10.91 25.58 -9.16
C PRO A 824 11.78 25.44 -10.42
N TYR A 825 12.18 24.21 -10.75
CA TYR A 825 12.96 23.93 -11.96
C TYR A 825 12.04 23.90 -13.17
N LYS A 826 12.28 24.82 -14.11
CA LYS A 826 11.39 25.08 -15.24
C LYS A 826 11.87 24.57 -16.62
N GLU A 827 13.09 24.07 -16.74
CA GLU A 827 13.54 23.53 -18.03
C GLU A 827 12.96 22.10 -18.23
N ASP A 828 12.87 21.68 -19.49
CA ASP A 828 12.30 20.37 -19.81
C ASP A 828 13.03 19.16 -19.19
N ASP A 829 14.35 19.29 -19.04
CA ASP A 829 15.22 18.20 -18.58
C ASP A 829 16.51 18.79 -17.94
N PHE A 830 17.50 17.94 -17.63
CA PHE A 830 18.78 18.40 -17.05
C PHE A 830 19.96 18.41 -18.05
N SER A 831 19.64 18.45 -19.33
CA SER A 831 20.68 18.38 -20.39
C SER A 831 21.57 19.64 -20.44
N SER A 832 21.05 20.80 -20.01
CA SER A 832 21.90 21.99 -19.78
C SER A 832 23.05 21.71 -18.84
N TYR A 833 22.86 20.78 -17.91
CA TYR A 833 23.89 20.37 -16.99
C TYR A 833 24.56 19.07 -17.42
N GLY A 834 24.40 18.68 -18.68
CA GLY A 834 24.99 17.44 -19.17
C GLY A 834 24.39 16.14 -18.66
N LEU A 835 23.13 16.18 -18.22
CA LEU A 835 22.41 14.98 -17.84
C LEU A 835 21.19 14.78 -18.75
N GLU A 836 21.37 13.96 -19.78
CA GLU A 836 20.29 13.66 -20.70
C GLU A 836 19.34 12.63 -20.06
N ARG A 837 18.13 12.57 -20.58
CA ARG A 837 17.16 11.54 -20.25
C ARG A 837 17.76 10.17 -20.52
N ASP A 838 17.41 9.21 -19.67
CA ASP A 838 17.93 7.86 -19.79
C ASP A 838 17.23 7.16 -20.95
N LEU A 839 15.90 7.23 -20.97
CA LEU A 839 15.12 6.68 -22.08
C LEU A 839 14.11 7.68 -22.59
N ILE A 840 14.16 7.97 -23.89
CA ILE A 840 13.14 8.81 -24.50
C ILE A 840 12.20 7.88 -25.23
N VAL A 841 10.96 7.84 -24.76
CA VAL A 841 9.86 7.06 -25.34
C VAL A 841 8.62 7.93 -25.23
N PRO A 842 7.59 7.65 -26.06
CA PRO A 842 6.32 8.40 -25.87
C PRO A 842 5.59 8.08 -24.55
N GLU A 843 4.54 8.85 -24.28
CA GLU A 843 3.65 8.63 -23.15
C GLU A 843 3.09 7.19 -23.07
N ASN A 844 2.79 6.76 -21.85
CA ASN A 844 2.18 5.46 -21.61
C ASN A 844 3.05 4.29 -22.03
N ILE A 845 4.37 4.47 -21.87
CA ILE A 845 5.35 3.42 -22.03
C ILE A 845 6.10 3.36 -20.70
N ALA A 846 6.00 2.23 -20.01
CA ALA A 846 6.65 2.06 -18.73
C ALA A 846 8.01 1.42 -18.97
N TRP A 847 8.99 1.80 -18.19
CA TRP A 847 10.35 1.34 -18.40
C TRP A 847 11.17 1.37 -17.11
N THR A 848 12.24 0.58 -17.10
CA THR A 848 13.25 0.65 -16.08
C THR A 848 14.56 0.23 -16.73
N HIS A 849 15.66 0.51 -16.03
CA HIS A 849 17.04 0.34 -16.55
C HIS A 849 17.90 -0.24 -15.43
N ARG A 850 18.50 -1.40 -15.72
CA ARG A 850 19.48 -2.06 -14.90
C ARG A 850 20.86 -2.19 -15.61
N GLN A 851 21.90 -2.25 -14.78
CA GLN A 851 23.28 -2.17 -15.26
C GLN A 851 24.21 -2.94 -14.30
N GLY A 852 25.06 -3.78 -14.87
CA GLY A 852 26.07 -4.56 -14.13
C GLY A 852 27.30 -4.81 -14.98
N GLU A 853 28.15 -5.74 -14.59
CA GLU A 853 29.42 -5.97 -15.30
C GLU A 853 29.22 -6.55 -16.70
N GLN A 854 28.17 -7.35 -16.88
CA GLN A 854 27.83 -7.91 -18.18
C GLN A 854 26.97 -7.06 -19.12
N GLY A 855 26.68 -5.80 -18.79
CA GLY A 855 25.98 -4.87 -19.69
C GLY A 855 24.75 -4.16 -19.13
N ASP A 856 23.98 -3.54 -20.05
CA ASP A 856 22.75 -2.78 -19.75
C ASP A 856 21.46 -3.44 -20.24
N ILE A 857 20.38 -3.26 -19.47
CA ILE A 857 19.07 -3.83 -19.75
C ILE A 857 18.00 -2.74 -19.56
N TYR A 858 17.17 -2.53 -20.59
CA TYR A 858 16.04 -1.65 -20.48
C TYR A 858 14.82 -2.52 -20.62
N PHE A 859 13.87 -2.35 -19.70
CA PHE A 859 12.57 -3.04 -19.77
C PHE A 859 11.64 -1.98 -20.26
N ILE A 860 10.91 -2.28 -21.33
CA ILE A 860 10.04 -1.33 -22.01
C ILE A 860 8.67 -1.97 -22.23
N ALA A 861 7.61 -1.34 -21.74
CA ALA A 861 6.28 -2.00 -21.69
C ALA A 861 5.19 -1.05 -22.06
N ASN A 862 4.35 -1.51 -22.98
CA ASN A 862 3.28 -0.74 -23.54
C ASN A 862 2.11 -0.82 -22.56
N GLN A 863 1.62 0.34 -22.10
CA GLN A 863 0.50 0.40 -21.15
C GLN A 863 -0.87 0.57 -21.79
N LEU A 864 -0.89 0.80 -23.09
CA LEU A 864 -2.13 0.99 -23.82
C LEU A 864 -2.53 -0.31 -24.47
N GLU A 865 -3.83 -0.44 -24.67
CA GLU A 865 -4.41 -1.65 -25.17
C GLU A 865 -4.57 -1.55 -26.69
N GLU A 866 -3.49 -1.17 -27.36
CA GLU A 866 -3.43 -1.04 -28.82
C GLU A 866 -2.00 -1.33 -29.26
N THR A 867 -1.87 -1.75 -30.52
CA THR A 867 -0.58 -2.02 -31.14
C THR A 867 0.02 -0.69 -31.45
N ARG A 868 1.29 -0.50 -31.13
CA ARG A 868 1.95 0.80 -31.31
C ARG A 868 3.34 0.57 -31.90
N THR A 869 3.74 1.44 -32.82
CA THR A 869 5.11 1.41 -33.39
C THR A 869 5.74 2.74 -33.08
N PHE A 870 6.91 2.72 -32.44
CA PHE A 870 7.50 3.96 -31.92
C PHE A 870 9.01 3.85 -31.79
N THR A 871 9.66 4.99 -31.72
CA THR A 871 11.11 5.07 -31.58
C THR A 871 11.41 5.13 -30.10
N ALA A 872 12.35 4.32 -29.65
CA ALA A 872 12.85 4.38 -28.30
C ALA A 872 14.28 4.86 -28.45
N SER A 873 14.66 5.92 -27.73
CA SER A 873 16.07 6.37 -27.70
C SER A 873 16.69 6.20 -26.32
N MET A 874 17.77 5.41 -26.25
CA MET A 874 18.42 5.07 -25.00
C MET A 874 19.72 5.81 -24.87
N ARG A 875 20.06 6.13 -23.62
CA ARG A 875 21.33 6.81 -23.29
C ARG A 875 22.50 5.80 -23.31
N ILE A 876 22.74 5.19 -24.46
CA ILE A 876 23.79 4.18 -24.63
C ILE A 876 24.49 4.53 -25.95
N ASP A 877 25.83 4.61 -25.90
CA ASP A 877 26.64 5.09 -27.01
C ASP A 877 27.54 3.96 -27.53
N GLY A 878 27.22 3.47 -28.72
CA GLY A 878 28.10 2.58 -29.47
C GLY A 878 28.12 1.13 -29.04
N ARG A 879 27.00 0.60 -28.52
CA ARG A 879 26.89 -0.86 -28.33
C ARG A 879 25.69 -1.41 -29.06
N LYS A 880 25.77 -2.70 -29.36
CA LYS A 880 24.80 -3.39 -30.17
C LYS A 880 23.60 -3.84 -29.32
N PRO A 881 22.40 -3.28 -29.59
CA PRO A 881 21.24 -3.74 -28.82
C PRO A 881 20.68 -5.08 -29.31
N GLU A 882 20.04 -5.82 -28.40
CA GLU A 882 19.19 -6.97 -28.75
C GLU A 882 17.79 -6.83 -28.10
N CYS A 883 16.83 -7.57 -28.65
CA CYS A 883 15.43 -7.55 -28.26
C CYS A 883 15.12 -8.95 -27.74
N TRP A 884 14.86 -9.07 -26.43
CA TRP A 884 14.59 -10.35 -25.77
C TRP A 884 13.11 -10.34 -25.38
N ASN A 885 12.35 -11.34 -25.85
CA ASN A 885 10.90 -11.43 -25.62
C ASN A 885 10.58 -12.29 -24.36
N PRO A 886 10.15 -11.65 -23.27
CA PRO A 886 9.88 -12.43 -22.07
C PRO A 886 8.64 -13.35 -22.15
N VAL A 887 7.70 -13.12 -23.06
CA VAL A 887 6.53 -14.05 -23.16
C VAL A 887 6.97 -15.39 -23.81
N THR A 888 7.72 -15.32 -24.90
CA THR A 888 8.13 -16.51 -25.68
C THR A 888 9.52 -17.02 -25.31
N GLY A 889 10.38 -16.16 -24.78
CA GLY A 889 11.78 -16.52 -24.55
C GLY A 889 12.75 -16.33 -25.73
N GLU A 890 12.22 -15.93 -26.89
CA GLU A 890 13.01 -15.67 -28.12
C GLU A 890 13.92 -14.48 -27.92
N ILE A 891 15.13 -14.64 -28.45
CA ILE A 891 16.16 -13.62 -28.41
C ILE A 891 16.48 -13.27 -29.85
N ASN A 892 16.22 -12.01 -30.21
CA ASN A 892 16.57 -11.48 -31.51
C ASN A 892 17.83 -10.64 -31.36
N ALA A 893 18.97 -11.21 -31.74
CA ALA A 893 20.28 -10.55 -31.62
C ALA A 893 20.63 -9.55 -32.73
N ASP A 894 19.76 -9.37 -33.72
CA ASP A 894 20.09 -8.60 -34.91
C ASP A 894 18.94 -7.70 -35.31
N ILE A 895 18.63 -6.77 -34.43
CA ILE A 895 17.58 -5.76 -34.66
C ILE A 895 18.18 -4.52 -35.32
N PRO A 896 17.39 -3.80 -36.13
CA PRO A 896 17.97 -2.56 -36.66
C PRO A 896 18.06 -1.49 -35.55
N TYR A 897 19.05 -0.63 -35.67
CA TYR A 897 19.22 0.47 -34.74
C TYR A 897 20.05 1.58 -35.37
N GLU A 898 19.76 2.82 -35.00
CA GLU A 898 20.58 3.96 -35.41
C GLU A 898 21.37 4.52 -34.22
N GLN A 899 22.43 5.26 -34.55
CA GLN A 899 23.32 5.88 -33.58
C GLN A 899 23.33 7.38 -33.89
N LYS A 900 22.70 8.18 -33.04
CA LYS A 900 22.51 9.62 -33.28
C LYS A 900 22.75 10.40 -32.01
N SER A 901 23.56 11.46 -32.10
CA SER A 901 23.93 12.28 -30.95
C SER A 901 24.34 11.42 -29.75
N HIS A 902 25.14 10.39 -30.04
CA HIS A 902 25.70 9.51 -29.01
C HIS A 902 24.67 8.74 -28.15
N ARG A 903 23.51 8.47 -28.74
CA ARG A 903 22.43 7.67 -28.15
C ARG A 903 22.16 6.54 -29.10
N THR A 904 21.41 5.54 -28.66
CA THR A 904 20.99 4.50 -29.56
C THR A 904 19.48 4.53 -29.70
N GLU A 905 19.01 4.53 -30.95
CA GLU A 905 17.60 4.58 -31.28
C GLU A 905 17.18 3.26 -31.93
N ILE A 906 15.96 2.83 -31.63
CA ILE A 906 15.39 1.60 -32.18
C ILE A 906 13.92 1.86 -32.46
N THR A 907 13.38 1.16 -33.44
CA THR A 907 11.94 1.19 -33.69
C THR A 907 11.37 -0.10 -33.12
N LEU A 908 10.30 0.01 -32.35
CA LEU A 908 9.65 -1.12 -31.68
C LEU A 908 8.20 -1.14 -32.04
N THR A 909 7.67 -2.32 -32.35
CA THR A 909 6.23 -2.50 -32.44
C THR A 909 5.81 -3.35 -31.25
N LEU A 910 4.90 -2.81 -30.43
CA LEU A 910 4.39 -3.50 -29.26
C LEU A 910 2.90 -3.70 -29.40
N ALA A 911 2.49 -4.98 -29.38
CA ALA A 911 1.09 -5.35 -29.31
C ALA A 911 0.44 -4.77 -28.01
N PRO A 912 -0.91 -4.79 -27.91
CA PRO A 912 -1.55 -4.35 -26.65
C PRO A 912 -0.90 -4.96 -25.38
N ASN A 913 -0.48 -4.10 -24.46
CA ASN A 913 0.16 -4.51 -23.21
C ASN A 913 1.50 -5.22 -23.37
N GLU A 914 2.10 -5.24 -24.57
CA GLU A 914 3.34 -6.03 -24.73
C GLU A 914 4.57 -5.35 -24.11
N SER A 915 5.48 -6.17 -23.59
CA SER A 915 6.75 -5.73 -23.01
C SER A 915 7.93 -6.42 -23.69
N VAL A 916 9.09 -5.77 -23.68
CA VAL A 916 10.35 -6.35 -24.23
C VAL A 916 11.52 -5.92 -23.35
N PHE A 917 12.65 -6.59 -23.52
CA PHE A 917 13.87 -6.19 -22.85
C PHE A 917 14.82 -5.85 -23.98
N ILE A 918 15.46 -4.69 -23.86
CA ILE A 918 16.51 -4.30 -24.76
C ILE A 918 17.79 -4.47 -23.98
N VAL A 919 18.65 -5.37 -24.48
CA VAL A 919 19.85 -5.78 -23.80
C VAL A 919 21.08 -5.31 -24.60
N TYR A 920 22.04 -4.70 -23.91
CA TYR A 920 23.33 -4.28 -24.51
C TYR A 920 24.46 -4.99 -23.79
N PRO A 921 25.15 -5.92 -24.48
CA PRO A 921 26.45 -6.45 -24.00
C PRO A 921 27.42 -5.34 -23.65
N ALA A 922 28.30 -5.54 -22.66
CA ALA A 922 29.29 -4.51 -22.26
C ALA A 922 30.55 -4.57 -23.14
N THR A 947 -3.41 -14.50 -45.21
CA THR A 947 -4.06 -15.72 -45.73
C THR A 947 -5.00 -16.35 -44.69
N GLY A 948 -6.29 -16.45 -45.02
CA GLY A 948 -7.31 -16.99 -44.11
C GLY A 948 -7.26 -18.51 -43.88
N LEU A 949 -8.06 -18.98 -42.94
CA LEU A 949 -8.14 -20.42 -42.64
C LEU A 949 -9.37 -21.02 -43.31
N GLU A 950 -9.16 -22.18 -43.94
CA GLU A 950 -10.23 -23.02 -44.46
C GLU A 950 -10.17 -24.30 -43.66
N ALA A 951 -10.98 -24.34 -42.59
CA ALA A 951 -11.05 -25.48 -41.67
C ALA A 951 -12.25 -26.33 -42.00
N THR A 952 -12.12 -27.62 -41.71
CA THR A 952 -13.27 -28.53 -41.71
C THR A 952 -14.19 -28.14 -40.54
N GLU A 953 -15.24 -28.92 -40.29
CA GLU A 953 -16.08 -28.69 -39.11
C GLU A 953 -15.27 -28.84 -37.82
N TYR A 954 -15.63 -28.03 -36.84
CA TYR A 954 -15.06 -28.08 -35.51
C TYR A 954 -15.84 -29.10 -34.67
N THR A 955 -15.11 -29.88 -33.90
CA THR A 955 -15.64 -30.62 -32.77
C THR A 955 -15.15 -29.92 -31.51
N VAL A 956 -16.10 -29.47 -30.70
CA VAL A 956 -15.83 -28.71 -29.50
C VAL A 956 -16.32 -29.51 -28.31
N THR A 957 -15.40 -29.87 -27.43
CA THR A 957 -15.73 -30.64 -26.25
C THR A 957 -15.58 -29.77 -25.01
N PHE A 958 -16.67 -29.65 -24.25
CA PHE A 958 -16.69 -28.88 -23.01
C PHE A 958 -16.43 -29.85 -21.89
N THR A 959 -15.21 -29.84 -21.35
CA THR A 959 -14.72 -30.94 -20.53
C THR A 959 -15.33 -31.01 -19.12
N ALA A 960 -15.76 -29.87 -18.57
CA ALA A 960 -16.35 -29.82 -17.24
C ALA A 960 -17.67 -30.59 -17.12
N ASN A 961 -18.45 -30.65 -18.20
CA ASN A 961 -19.75 -31.32 -18.20
C ASN A 961 -19.97 -32.27 -19.38
N GLY A 962 -18.91 -32.60 -20.13
CA GLY A 962 -19.01 -33.56 -21.23
C GLY A 962 -19.80 -33.21 -22.49
N LYS A 963 -20.39 -32.01 -22.60
CA LYS A 963 -21.10 -31.62 -23.84
C LYS A 963 -20.12 -31.61 -25.01
N THR A 964 -20.61 -32.07 -26.15
CA THR A 964 -19.86 -32.07 -27.39
C THR A 964 -20.79 -31.61 -28.50
N ILE A 965 -20.33 -30.66 -29.31
CA ILE A 965 -21.10 -30.20 -30.46
C ILE A 965 -20.21 -30.05 -31.68
N GLN A 966 -20.84 -30.09 -32.86
CA GLN A 966 -20.16 -29.93 -34.15
C GLN A 966 -20.60 -28.58 -34.70
N ARG A 967 -19.67 -27.80 -35.23
CA ARG A 967 -20.02 -26.52 -35.82
C ARG A 967 -19.08 -26.19 -36.96
N GLN A 968 -19.64 -25.64 -38.04
CA GLN A 968 -18.85 -25.04 -39.11
C GLN A 968 -18.17 -23.75 -38.64
N GLU A 969 -18.94 -22.90 -37.98
CA GLU A 969 -18.52 -21.55 -37.58
C GLU A 969 -18.11 -21.45 -36.09
N LEU A 970 -17.16 -20.58 -35.81
CA LEU A 970 -16.79 -20.27 -34.43
C LEU A 970 -17.94 -19.50 -33.79
N PHE A 971 -18.05 -19.61 -32.47
CA PHE A 971 -19.20 -19.07 -31.75
C PHE A 971 -18.88 -18.60 -30.31
N ASP A 972 -19.58 -17.56 -29.89
CA ASP A 972 -19.47 -17.04 -28.53
C ASP A 972 -20.35 -17.93 -27.65
N TRP A 973 -19.74 -18.64 -26.70
CA TRP A 973 -20.47 -19.60 -25.84
C TRP A 973 -21.67 -18.95 -25.15
N SER A 974 -21.50 -17.70 -24.72
CA SER A 974 -22.51 -16.97 -23.94
C SER A 974 -23.75 -16.56 -24.75
N LYS A 975 -23.69 -16.75 -26.07
CA LYS A 975 -24.83 -16.54 -26.97
C LYS A 975 -25.59 -17.81 -27.34
N GLU A 976 -25.18 -18.98 -26.83
CA GLU A 976 -25.87 -20.24 -27.13
C GLU A 976 -27.18 -20.41 -26.37
N GLU A 977 -28.13 -21.13 -26.99
CA GLU A 977 -29.44 -21.44 -26.36
C GLU A 977 -29.31 -22.44 -25.20
N ASP A 978 -28.50 -23.48 -25.40
CA ASP A 978 -28.21 -24.46 -24.36
C ASP A 978 -27.56 -23.75 -23.17
N GLU A 979 -28.23 -23.77 -22.02
CA GLU A 979 -27.73 -23.12 -20.80
C GLU A 979 -26.41 -23.71 -20.30
N GLN A 980 -26.16 -25.00 -20.61
CA GLN A 980 -24.89 -25.61 -20.19
C GLN A 980 -23.65 -25.15 -20.98
N ILE A 981 -23.89 -24.52 -22.13
CA ILE A 981 -22.84 -23.79 -22.84
C ILE A 981 -22.92 -22.29 -22.53
N ARG A 982 -24.12 -21.72 -22.58
CA ARG A 982 -24.32 -20.26 -22.31
C ARG A 982 -23.58 -19.80 -21.06
N TYR A 983 -23.78 -20.55 -19.98
CA TYR A 983 -23.24 -20.21 -18.67
C TYR A 983 -21.94 -20.93 -18.33
N TYR A 984 -21.26 -21.49 -19.34
CA TYR A 984 -20.12 -22.34 -19.10
C TYR A 984 -18.87 -21.53 -18.73
N SER A 985 -18.17 -22.02 -17.72
CA SER A 985 -16.85 -21.51 -17.35
C SER A 985 -15.96 -22.72 -17.27
N GLY A 986 -14.81 -22.63 -17.90
CA GLY A 986 -13.81 -23.67 -17.82
C GLY A 986 -13.16 -23.81 -19.14
N THR A 987 -12.79 -25.05 -19.49
CA THR A 987 -12.02 -25.34 -20.68
C THR A 987 -12.87 -26.11 -21.69
N ALA A 988 -12.79 -25.66 -22.96
CA ALA A 988 -13.33 -26.36 -24.10
C ALA A 988 -12.22 -26.68 -25.10
N VAL A 989 -12.23 -27.91 -25.61
CA VAL A 989 -11.22 -28.37 -26.59
C VAL A 989 -11.84 -28.30 -27.98
N TYR A 990 -11.24 -27.47 -28.85
CA TYR A 990 -11.62 -27.39 -30.23
C TYR A 990 -10.71 -28.29 -31.07
N LYS A 991 -11.32 -29.13 -31.92
CA LYS A 991 -10.58 -30.02 -32.84
C LYS A 991 -11.04 -29.85 -34.30
N THR A 992 -10.09 -29.65 -35.19
CA THR A 992 -10.38 -29.56 -36.62
C THR A 992 -9.15 -29.95 -37.47
N THR A 993 -9.29 -29.85 -38.79
CA THR A 993 -8.17 -30.02 -39.73
C THR A 993 -8.10 -28.86 -40.71
N PHE A 994 -6.91 -28.64 -41.27
CA PHE A 994 -6.70 -27.65 -42.32
C PHE A 994 -5.69 -28.14 -43.38
N ARG A 995 -5.81 -27.57 -44.59
CA ARG A 995 -4.90 -27.86 -45.69
C ARG A 995 -3.77 -26.82 -45.69
N TRP A 996 -2.53 -27.30 -45.78
CA TRP A 996 -1.38 -26.44 -46.06
C TRP A 996 -0.79 -26.89 -47.39
N LYS A 997 -0.71 -25.98 -48.37
CA LYS A 997 -0.32 -26.32 -49.75
C LYS A 997 1.17 -26.70 -49.88
N SER A 998 2.06 -25.79 -49.50
CA SER A 998 3.52 -25.91 -49.71
C SER A 998 4.28 -26.46 -48.53
N LYS A 999 5.48 -27.01 -48.79
CA LYS A 999 6.44 -27.35 -47.72
C LYS A 999 6.95 -26.04 -47.12
N VAL A 1000 7.24 -26.06 -45.83
CA VAL A 1000 7.77 -24.87 -45.15
C VAL A 1000 9.19 -24.62 -45.64
N LYS A 1001 9.41 -23.43 -46.20
CA LYS A 1001 10.72 -23.03 -46.75
C LYS A 1001 11.72 -22.68 -45.66
N GLU A 1002 12.97 -22.48 -46.08
CA GLU A 1002 14.03 -22.03 -45.18
C GLU A 1002 13.79 -20.54 -44.90
N ASP A 1003 14.27 -20.06 -43.75
CA ASP A 1003 14.08 -18.66 -43.31
C ASP A 1003 12.61 -18.22 -43.05
N GLN A 1004 11.65 -19.10 -43.36
CA GLN A 1004 10.23 -18.76 -43.45
C GLN A 1004 9.57 -19.10 -42.09
N GLN A 1005 8.61 -18.29 -41.65
CA GLN A 1005 8.00 -18.42 -40.31
C GLN A 1005 6.49 -18.38 -40.42
N VAL A 1006 5.80 -19.35 -39.82
CA VAL A 1006 4.33 -19.38 -39.88
C VAL A 1006 3.61 -19.25 -38.53
N TYR A 1007 2.73 -18.24 -38.45
CA TYR A 1007 1.93 -17.96 -37.26
C TYR A 1007 0.47 -18.29 -37.51
N LEU A 1008 -0.15 -19.09 -36.62
CA LEU A 1008 -1.61 -19.17 -36.54
C LEU A 1008 -2.08 -18.00 -35.67
N ASN A 1009 -2.74 -17.00 -36.26
CA ASN A 1009 -3.35 -15.90 -35.51
C ASN A 1009 -4.73 -16.33 -35.05
N LEU A 1010 -4.99 -16.23 -33.75
CA LEU A 1010 -6.24 -16.72 -33.18
C LEU A 1010 -7.36 -15.68 -33.23
N GLY A 1011 -7.03 -14.43 -33.54
CA GLY A 1011 -8.03 -13.37 -33.56
C GLY A 1011 -8.41 -13.04 -32.13
N LYS A 1012 -9.71 -12.96 -31.85
CA LYS A 1012 -10.22 -12.62 -30.53
C LYS A 1012 -10.37 -13.90 -29.71
N VAL A 1013 -9.67 -13.98 -28.58
CA VAL A 1013 -9.63 -15.16 -27.69
C VAL A 1013 -10.15 -14.81 -26.29
N CYS A 1014 -11.22 -15.48 -25.88
CA CYS A 1014 -11.85 -15.27 -24.60
C CYS A 1014 -11.74 -16.53 -23.68
N ASP A 1015 -10.65 -16.69 -22.91
CA ASP A 1015 -9.57 -15.67 -22.70
C ASP A 1015 -8.12 -16.15 -22.93
N LEU A 1016 -7.95 -17.43 -23.18
CA LEU A 1016 -6.65 -18.10 -23.05
C LEU A 1016 -6.72 -19.33 -23.95
N ALA A 1017 -5.66 -19.63 -24.67
CA ALA A 1017 -5.70 -20.73 -25.62
C ALA A 1017 -4.37 -21.44 -25.73
N THR A 1018 -4.42 -22.77 -25.70
CA THR A 1018 -3.26 -23.62 -25.93
C THR A 1018 -3.41 -24.24 -27.33
N VAL A 1019 -2.34 -24.21 -28.11
CA VAL A 1019 -2.40 -24.66 -29.50
C VAL A 1019 -1.55 -25.92 -29.64
N ARG A 1020 -2.18 -26.97 -30.17
CA ARG A 1020 -1.50 -28.19 -30.59
C ARG A 1020 -1.72 -28.42 -32.08
N VAL A 1021 -0.61 -28.51 -32.84
CA VAL A 1021 -0.66 -28.84 -34.28
C VAL A 1021 0.06 -30.17 -34.53
N ASN A 1022 -0.69 -31.13 -35.08
CA ASN A 1022 -0.19 -32.51 -35.30
C ASN A 1022 0.40 -33.07 -34.01
N GLY A 1023 -0.30 -32.83 -32.90
CA GLY A 1023 0.14 -33.28 -31.58
C GLY A 1023 1.33 -32.53 -30.97
N ILE A 1024 1.88 -31.52 -31.66
CA ILE A 1024 3.01 -30.72 -31.15
C ILE A 1024 2.46 -29.46 -30.45
N ASP A 1025 2.81 -29.28 -29.17
CA ASP A 1025 2.44 -28.06 -28.41
C ASP A 1025 3.17 -26.85 -28.97
N CYS A 1026 2.42 -25.89 -29.48
CA CYS A 1026 2.97 -24.64 -29.98
C CYS A 1026 2.75 -23.46 -29.01
N GLY A 1027 2.34 -23.71 -27.78
CA GLY A 1027 2.27 -22.69 -26.74
C GLY A 1027 0.89 -22.36 -26.18
N THR A 1028 0.91 -21.77 -24.98
CA THR A 1028 -0.27 -21.22 -24.33
C THR A 1028 -0.25 -19.71 -24.60
N ILE A 1029 -1.28 -19.26 -25.30
CA ILE A 1029 -1.42 -17.90 -25.70
C ILE A 1029 -2.39 -17.21 -24.72
N TRP A 1030 -1.88 -16.20 -23.98
CA TRP A 1030 -2.62 -15.54 -22.89
C TRP A 1030 -2.66 -14.02 -23.00
N THR A 1031 -1.79 -13.45 -23.84
CA THR A 1031 -1.72 -11.99 -24.01
C THR A 1031 -1.41 -11.71 -25.50
N ALA A 1032 -1.49 -10.45 -25.93
CA ALA A 1032 -1.27 -10.11 -27.32
C ALA A 1032 0.24 -10.10 -27.63
N PRO A 1033 0.64 -10.43 -28.87
CA PRO A 1033 -0.23 -10.92 -29.97
C PRO A 1033 -0.80 -12.33 -29.75
N TYR A 1034 -2.10 -12.51 -30.02
CA TYR A 1034 -2.82 -13.77 -29.89
C TYR A 1034 -2.52 -14.65 -31.10
N ARG A 1035 -1.36 -15.31 -31.05
CA ARG A 1035 -0.90 -16.11 -32.16
C ARG A 1035 0.12 -17.09 -31.66
N ALA A 1036 0.26 -18.21 -32.38
CA ALA A 1036 1.17 -19.29 -32.02
C ALA A 1036 2.07 -19.61 -33.21
N ASP A 1037 3.38 -19.64 -32.96
CA ASP A 1037 4.34 -20.08 -33.96
C ASP A 1037 4.16 -21.56 -34.16
N ILE A 1038 3.59 -21.92 -35.32
CA ILE A 1038 3.37 -23.32 -35.70
C ILE A 1038 4.41 -23.86 -36.70
N THR A 1039 5.51 -23.13 -36.91
CA THR A 1039 6.49 -23.44 -37.98
C THR A 1039 7.02 -24.89 -37.91
N ALA A 1040 7.60 -25.27 -36.77
CA ALA A 1040 8.11 -26.64 -36.55
C ALA A 1040 7.08 -27.76 -36.72
N ALA A 1041 5.80 -27.48 -36.45
CA ALA A 1041 4.75 -28.50 -36.46
C ALA A 1041 4.05 -28.69 -37.79
N LEU A 1042 4.19 -27.73 -38.73
CA LEU A 1042 3.46 -27.80 -39.99
C LEU A 1042 3.95 -28.91 -40.92
N LYS A 1043 2.99 -29.60 -41.57
CA LYS A 1043 3.24 -30.60 -42.62
C LYS A 1043 2.50 -30.25 -43.93
N LYS A 1044 2.94 -30.84 -45.04
CA LYS A 1044 2.25 -30.67 -46.32
C LYS A 1044 0.93 -31.43 -46.29
N GLY A 1045 -0.13 -30.84 -46.86
CA GLY A 1045 -1.46 -31.45 -46.86
C GLY A 1045 -2.32 -31.24 -45.61
N VAL A 1046 -2.84 -32.35 -45.07
CA VAL A 1046 -3.83 -32.33 -43.97
C VAL A 1046 -3.12 -32.17 -42.63
N ASN A 1047 -3.41 -31.07 -41.93
CA ASN A 1047 -2.87 -30.82 -40.58
C ASN A 1047 -3.95 -30.92 -39.56
N GLU A 1048 -3.63 -31.53 -38.41
CA GLU A 1048 -4.55 -31.64 -37.27
C GLU A 1048 -4.41 -30.44 -36.31
N LEU A 1049 -5.52 -29.73 -36.05
CA LEU A 1049 -5.53 -28.56 -35.18
C LEU A 1049 -6.39 -28.82 -33.95
N GLU A 1050 -5.72 -28.87 -32.79
CA GLU A 1050 -6.35 -28.95 -31.48
C GLU A 1050 -6.06 -27.65 -30.69
N ILE A 1051 -7.10 -26.96 -30.23
CA ILE A 1051 -6.97 -25.73 -29.43
C ILE A 1051 -7.80 -25.83 -28.13
N GLU A 1052 -7.16 -25.74 -26.96
CA GLU A 1052 -7.89 -25.69 -25.68
C GLU A 1052 -8.10 -24.26 -25.24
N VAL A 1053 -9.36 -23.86 -25.12
CA VAL A 1053 -9.73 -22.47 -24.77
C VAL A 1053 -10.35 -22.45 -23.39
N THR A 1054 -9.91 -21.52 -22.54
CA THR A 1054 -10.39 -21.40 -21.17
C THR A 1054 -10.84 -19.97 -20.86
N ASN A 1055 -12.01 -19.80 -20.27
CA ASN A 1055 -12.47 -18.47 -19.85
C ASN A 1055 -12.36 -18.32 -18.31
N THR A 1056 -13.20 -17.49 -17.72
CA THR A 1056 -13.18 -17.22 -16.30
C THR A 1056 -14.44 -17.74 -15.65
N TRP A 1057 -14.42 -17.78 -14.31
CA TRP A 1057 -15.52 -18.27 -13.52
C TRP A 1057 -16.83 -17.48 -13.58
N ALA A 1058 -16.79 -16.24 -14.08
CA ALA A 1058 -17.91 -15.31 -13.92
C ALA A 1058 -19.22 -15.82 -14.47
N ASN A 1059 -19.17 -16.40 -15.64
CA ASN A 1059 -20.38 -16.85 -16.30
C ASN A 1059 -20.99 -18.01 -15.52
N ALA A 1060 -20.18 -18.99 -15.08
CA ALA A 1060 -20.75 -20.14 -14.34
C ALA A 1060 -21.36 -19.74 -12.99
N LEU A 1061 -20.78 -18.73 -12.35
CA LEU A 1061 -21.28 -18.26 -11.05
C LEU A 1061 -22.59 -17.50 -11.23
N LYS A 1062 -22.71 -16.77 -12.34
CA LYS A 1062 -23.96 -16.13 -12.69
C LYS A 1062 -25.05 -17.18 -12.97
N GLY A 1063 -24.72 -18.20 -13.76
CA GLY A 1063 -25.57 -19.39 -13.90
C GLY A 1063 -25.97 -20.00 -12.57
N ALA A 1064 -24.99 -20.28 -11.71
CA ALA A 1064 -25.24 -20.89 -10.39
C ALA A 1064 -26.10 -20.02 -9.45
N ASP A 1065 -25.86 -18.70 -9.48
CA ASP A 1065 -26.70 -17.76 -8.74
C ASP A 1065 -28.16 -17.80 -9.20
N GLU A 1066 -28.40 -18.05 -10.49
CA GLU A 1066 -29.75 -18.02 -11.02
C GLU A 1066 -30.44 -19.41 -11.14
N GLY A 1067 -29.83 -20.45 -10.56
CA GLY A 1067 -30.34 -21.82 -10.69
C GLY A 1067 -30.06 -22.49 -12.02
N LYS A 1068 -29.11 -21.96 -12.77
CA LYS A 1068 -28.79 -22.48 -14.10
C LYS A 1068 -27.32 -22.81 -14.14
N ALA A 1069 -26.85 -23.56 -13.15
CA ALA A 1069 -25.45 -23.93 -13.05
C ALA A 1069 -25.12 -24.92 -14.15
N PRO A 1070 -23.99 -24.70 -14.86
CA PRO A 1070 -23.66 -25.52 -16.03
C PRO A 1070 -23.07 -26.89 -15.69
N PHE A 1071 -22.79 -27.11 -14.40
CA PHE A 1071 -22.30 -28.38 -13.87
C PHE A 1071 -22.38 -28.31 -12.35
N ASP A 1072 -22.25 -29.47 -11.72
CA ASP A 1072 -22.36 -29.58 -10.28
C ASP A 1072 -21.04 -29.23 -9.60
N GLY A 1073 -21.09 -29.07 -8.29
CA GLY A 1073 -19.92 -28.78 -7.49
C GLY A 1073 -19.56 -27.30 -7.40
N ILE A 1074 -20.45 -26.40 -7.81
CA ILE A 1074 -20.12 -24.97 -7.81
C ILE A 1074 -20.48 -24.38 -6.48
N TRP A 1075 -19.47 -23.95 -5.73
CA TRP A 1075 -19.69 -23.16 -4.51
C TRP A 1075 -18.49 -22.23 -4.26
N THR A 1076 -18.76 -21.02 -3.78
CA THR A 1076 -17.75 -20.17 -3.15
C THR A 1076 -18.38 -19.26 -2.08
N ASN A 1077 -17.56 -18.90 -1.08
CA ASN A 1077 -17.91 -17.87 -0.10
C ASN A 1077 -17.70 -16.44 -0.60
N ALA A 1078 -17.12 -16.29 -1.80
CA ALA A 1078 -16.96 -14.97 -2.44
C ALA A 1078 -18.32 -14.58 -3.00
N LYS A 1079 -18.90 -13.48 -2.53
CA LYS A 1079 -20.27 -13.09 -2.91
C LYS A 1079 -20.36 -11.95 -3.93
N TYR A 1080 -19.24 -11.27 -4.21
CA TYR A 1080 -19.30 -10.10 -5.07
C TYR A 1080 -19.44 -10.51 -6.52
N ARG A 1081 -20.20 -9.74 -7.28
CA ARG A 1081 -20.42 -9.98 -8.70
C ARG A 1081 -20.38 -8.67 -9.44
N ARG A 1082 -20.12 -8.72 -10.73
CA ARG A 1082 -20.14 -7.50 -11.56
C ARG A 1082 -21.53 -6.87 -11.59
N ALA A 1083 -21.56 -5.54 -11.59
CA ALA A 1083 -22.79 -4.76 -11.51
C ALA A 1083 -23.63 -4.87 -12.80
N GLU A 1084 -22.90 -5.01 -13.92
CA GLU A 1084 -23.47 -5.08 -15.29
C GLU A 1084 -24.54 -6.17 -15.48
N ASN A 1085 -24.38 -7.29 -14.80
CA ASN A 1085 -25.32 -8.41 -14.85
C ASN A 1085 -25.35 -9.07 -16.24
N THR A 1086 -24.20 -9.12 -16.90
CA THR A 1086 -24.09 -9.69 -18.25
C THR A 1086 -23.18 -10.86 -18.24
N LEU A 1087 -23.38 -11.72 -19.22
CA LEU A 1087 -22.49 -12.80 -19.45
C LEU A 1087 -21.35 -12.26 -20.24
N LEU A 1088 -20.14 -12.64 -19.84
CA LEU A 1088 -18.96 -12.29 -20.58
C LEU A 1088 -18.82 -13.08 -21.89
N PRO A 1089 -18.27 -12.44 -22.95
CA PRO A 1089 -17.85 -13.21 -24.14
C PRO A 1089 -16.91 -14.33 -23.75
N ALA A 1090 -17.07 -15.46 -24.42
CA ALA A 1090 -16.40 -16.66 -24.08
C ALA A 1090 -16.18 -17.53 -25.34
N GLY A 1091 -14.96 -18.00 -25.52
CA GLY A 1091 -14.60 -18.96 -26.57
C GLY A 1091 -13.51 -18.46 -27.49
N LEU A 1092 -13.17 -19.32 -28.46
CA LEU A 1092 -12.43 -18.93 -29.65
C LEU A 1092 -13.38 -18.24 -30.59
N LEU A 1093 -13.28 -16.92 -30.60
CA LEU A 1093 -14.11 -16.11 -31.45
C LEU A 1093 -13.46 -15.83 -32.79
N GLY A 1094 -12.12 -15.86 -32.87
CA GLY A 1094 -11.45 -15.67 -34.16
C GLY A 1094 -11.60 -14.27 -34.75
N PRO A 1095 -11.43 -14.11 -36.06
CA PRO A 1095 -11.20 -15.21 -37.02
C PRO A 1095 -9.78 -15.78 -36.98
N LEU A 1096 -9.64 -17.02 -37.42
CA LEU A 1096 -8.31 -17.64 -37.58
C LEU A 1096 -7.69 -17.30 -38.96
N ASN A 1097 -6.38 -16.99 -38.94
CA ASN A 1097 -5.58 -16.62 -40.10
C ASN A 1097 -4.19 -17.18 -39.95
N PHE A 1098 -3.51 -17.40 -41.07
CA PHE A 1098 -2.07 -17.65 -41.03
C PHE A 1098 -1.31 -16.37 -41.35
N ASP A 1099 -0.12 -16.23 -40.77
CA ASP A 1099 0.81 -15.16 -41.12
C ASP A 1099 2.15 -15.77 -41.46
N VAL A 1100 2.54 -15.63 -42.73
CA VAL A 1100 3.82 -16.13 -43.19
C VAL A 1100 4.77 -14.95 -43.27
N ALA A 1101 5.83 -14.98 -42.45
CA ALA A 1101 6.90 -13.97 -42.44
C ALA A 1101 8.27 -14.61 -42.78
N ASN A 1102 9.35 -13.84 -42.57
CA ASN A 1102 10.74 -14.31 -42.66
C ASN A 1102 11.48 -14.11 -41.34
#